data_3TTN
#
_entry.id   3TTN
#
_cell.length_a   44.329
_cell.length_b   44.367
_cell.length_c   81.553
_cell.angle_alpha   91.50
_cell.angle_beta   95.24
_cell.angle_gamma   95.23
#
_symmetry.space_group_name_H-M   'P 1'
#
loop_
_entity.id
_entity.type
_entity.pdbx_description
1 polymer 'Polyamine transport protein'
2 non-polymer SPERMIDINE
3 water water
#
_entity_poly.entity_id   1
_entity_poly.type   'polypeptide(L)'
_entity_poly.pdbx_seq_one_letter_code
;GPLGSSLHIYNWTDYIAPTTLKDFTKESGIDVSYDVFDSNETLEGKLVSGHSGYDIVVPSNNFLGKQIQAGAFQKLDKSK
LPNWKNLDPALLKQLEVSDPGNQYAVPYLWGTNGIGYNVAKVKEVLGDQPIDSWAILFEPEN(MSE)KKLAKCGVAF
(MSE)DSGDE(MSE)LPAALNYLGLDPNTHDPKDYKKAEEVLTKVRPYVSYFHSSKYISDLANGNICVAFGYSGDVFQAA
ARAEEAGKGIDIQYVIPKEGANLWFDL(MSE)AIPADAKAADNAYAFIDYLLRPEVIAKVSDYVGYANAIPGARPL
(MSE)DKSVSDSEEVYPPQAVLDKLYVSAVLPAKVLRLQTRTWTRIK
;
_entity_poly.pdbx_strand_id   A,B
#
# COMPACT_ATOMS: atom_id res chain seq x y z
N SER A 6 23.09 28.79 11.45
CA SER A 6 21.61 28.58 11.53
C SER A 6 20.94 28.61 10.17
N LEU A 7 19.75 28.01 10.08
CA LEU A 7 19.05 27.86 8.80
C LEU A 7 17.55 27.95 9.00
N HIS A 8 16.90 28.86 8.25
CA HIS A 8 15.46 29.07 8.39
C HIS A 8 14.72 28.42 7.24
N ILE A 9 13.78 27.53 7.56
CA ILE A 9 13.04 26.79 6.52
C ILE A 9 11.55 27.05 6.67
N TYR A 10 10.88 27.24 5.54
CA TYR A 10 9.44 27.36 5.52
C TYR A 10 8.92 26.24 4.64
N ASN A 11 8.32 25.23 5.28
CA ASN A 11 7.84 24.04 4.56
C ASN A 11 6.36 23.76 4.84
N TRP A 12 5.78 22.84 4.07
CA TRP A 12 4.41 22.41 4.34
C TRP A 12 4.32 21.69 5.68
N THR A 13 3.13 21.73 6.28
CA THR A 13 2.83 20.92 7.45
C THR A 13 2.96 19.42 7.12
N ASP A 14 3.34 18.63 8.11
CA ASP A 14 3.38 17.17 8.01
C ASP A 14 4.14 16.71 6.76
N TYR A 15 5.37 17.19 6.58
CA TYR A 15 6.06 16.97 5.33
C TYR A 15 7.52 16.68 5.57
N ILE A 16 7.81 16.07 6.72
CA ILE A 16 9.18 15.72 7.08
C ILE A 16 9.13 14.62 8.11
N ALA A 17 10.19 13.82 8.19
CA ALA A 17 10.28 12.78 9.22
C ALA A 17 10.72 13.38 10.54
N PRO A 18 10.28 12.78 11.67
CA PRO A 18 10.49 13.31 13.03
C PRO A 18 11.94 13.52 13.43
N THR A 19 12.86 12.78 12.79
CA THR A 19 14.28 12.88 13.14
C THR A 19 15.14 13.40 11.99
N THR A 20 14.51 13.73 10.85
CA THR A 20 15.28 14.23 9.71
C THR A 20 16.09 15.47 10.13
N LEU A 21 15.43 16.39 10.83
CA LEU A 21 16.11 17.61 11.25
C LEU A 21 17.21 17.33 12.28
N LYS A 22 16.91 16.49 13.27
CA LYS A 22 17.87 16.13 14.30
C LYS A 22 19.10 15.47 13.69
N ASP A 23 18.87 14.56 12.75
CA ASP A 23 19.97 13.87 12.04
C ASP A 23 20.82 14.84 11.23
N PHE A 24 20.18 15.74 10.50
CA PHE A 24 20.93 16.76 9.74
C PHE A 24 21.79 17.62 10.66
N THR A 25 21.17 18.22 11.67
CA THR A 25 21.89 19.09 12.60
C THR A 25 23.05 18.39 13.28
N LYS A 26 22.82 17.15 13.70
CA LYS A 26 23.87 16.37 14.33
C LYS A 26 25.04 16.12 13.37
N GLU A 27 24.74 15.91 12.10
CA GLU A 27 25.79 15.62 11.13
C GLU A 27 26.50 16.88 10.64
N SER A 28 25.78 18.00 10.59
CA SER A 28 26.29 19.23 9.99
C SER A 28 26.67 20.30 11.01
N GLY A 29 26.09 20.24 12.21
CA GLY A 29 26.25 21.31 13.19
C GLY A 29 25.48 22.57 12.82
N ILE A 30 24.56 22.46 11.87
CA ILE A 30 23.72 23.58 11.49
C ILE A 30 22.36 23.47 12.17
N ASP A 31 22.01 24.49 12.94
CA ASP A 31 20.72 24.48 13.61
C ASP A 31 19.62 24.95 12.66
N VAL A 32 18.40 24.48 12.91
CA VAL A 32 17.30 24.79 12.02
C VAL A 32 16.15 25.46 12.75
N SER A 33 15.66 26.53 12.16
CA SER A 33 14.40 27.13 12.55
C SER A 33 13.42 26.64 11.49
N TYR A 34 12.43 25.86 11.90
CA TYR A 34 11.55 25.19 10.96
C TYR A 34 10.14 25.69 11.20
N ASP A 35 9.60 26.43 10.24
CA ASP A 35 8.22 26.89 10.31
C ASP A 35 7.41 26.20 9.21
N VAL A 36 6.11 26.04 9.44
CA VAL A 36 5.27 25.36 8.46
C VAL A 36 4.09 26.21 8.01
N PHE A 37 3.59 25.92 6.80
CA PHE A 37 2.37 26.52 6.23
C PHE A 37 1.55 25.37 5.62
N ASP A 38 0.28 25.57 5.34
CA ASP A 38 -0.53 24.47 4.80
C ASP A 38 -1.12 24.75 3.42
N SER A 39 -0.79 25.90 2.85
CA SER A 39 -1.22 26.19 1.50
C SER A 39 -0.21 27.03 0.73
N ASN A 40 -0.11 26.79 -0.56
CA ASN A 40 0.70 27.63 -1.45
C ASN A 40 0.38 29.13 -1.31
N GLU A 41 -0.90 29.45 -1.11
CA GLU A 41 -1.33 30.84 -0.99
C GLU A 41 -0.67 31.52 0.19
N THR A 42 -0.48 30.77 1.26
CA THR A 42 0.19 31.27 2.47
C THR A 42 1.67 31.59 2.22
N LEU A 43 2.38 30.67 1.58
CA LEU A 43 3.76 30.90 1.19
C LEU A 43 3.85 32.10 0.25
N GLU A 44 3.01 32.11 -0.79
CA GLU A 44 3.03 33.20 -1.78
C GLU A 44 2.83 34.55 -1.07
N GLY A 45 1.96 34.57 -0.07
CA GLY A 45 1.74 35.74 0.77
C GLY A 45 3.03 36.20 1.41
N LYS A 46 3.81 35.25 1.93
CA LYS A 46 5.05 35.62 2.61
C LYS A 46 6.17 36.02 1.66
N LEU A 47 6.11 35.60 0.40
CA LEU A 47 7.14 35.92 -0.59
C LEU A 47 6.89 37.21 -1.32
N VAL A 48 5.62 37.55 -1.51
CA VAL A 48 5.24 38.74 -2.26
C VAL A 48 5.99 39.98 -1.76
N SER A 49 6.24 40.03 -0.45
CA SER A 49 6.97 41.15 0.16
C SER A 49 8.42 41.23 -0.31
N GLY A 50 9.02 40.07 -0.54
CA GLY A 50 10.42 40.00 -0.94
C GLY A 50 11.38 40.08 0.23
N HIS A 51 10.83 39.96 1.44
CA HIS A 51 11.65 40.01 2.67
C HIS A 51 11.30 38.86 3.61
N SER A 52 10.57 37.87 3.09
CA SER A 52 10.27 36.68 3.89
C SER A 52 11.58 36.01 4.23
N GLY A 53 12.24 36.52 5.27
CA GLY A 53 13.54 36.03 5.72
C GLY A 53 13.70 34.52 5.89
N TYR A 54 13.42 33.75 4.85
CA TYR A 54 13.74 32.33 4.89
C TYR A 54 14.88 31.99 3.94
N ASP A 55 15.59 30.90 4.25
CA ASP A 55 16.68 30.39 3.42
C ASP A 55 16.20 29.30 2.48
N ILE A 56 15.15 28.61 2.90
CA ILE A 56 14.54 27.58 2.07
C ILE A 56 13.04 27.68 2.16
N VAL A 57 12.39 27.66 1.00
CA VAL A 57 10.93 27.57 0.96
C VAL A 57 10.59 26.50 -0.06
N VAL A 58 9.37 25.99 0.02
CA VAL A 58 8.99 24.77 -0.69
C VAL A 58 7.65 24.87 -1.43
N PRO A 59 7.59 25.71 -2.47
CA PRO A 59 6.36 25.90 -3.26
C PRO A 59 6.10 24.71 -4.20
N SER A 60 4.86 24.59 -4.66
CA SER A 60 4.54 23.58 -5.67
C SER A 60 4.96 24.08 -7.05
N ASN A 61 5.03 23.15 -8.00
CA ASN A 61 5.51 23.46 -9.36
C ASN A 61 4.88 24.70 -10.01
N ASN A 62 3.56 24.84 -9.93
CA ASN A 62 2.88 25.94 -10.59
C ASN A 62 3.19 27.29 -9.92
N PHE A 63 3.19 27.31 -8.59
CA PHE A 63 3.51 28.54 -7.86
C PHE A 63 4.96 28.91 -8.03
N LEU A 64 5.82 27.90 -8.00
CA LEU A 64 7.25 28.11 -8.26
C LEU A 64 7.48 28.88 -9.56
N GLY A 65 6.81 28.46 -10.63
CA GLY A 65 6.87 29.15 -11.93
C GLY A 65 6.58 30.65 -11.85
N LYS A 66 5.52 31.02 -11.13
CA LYS A 66 5.15 32.45 -10.98
C LYS A 66 6.19 33.19 -10.15
N GLN A 67 6.69 32.52 -9.12
CA GLN A 67 7.69 33.12 -8.24
C GLN A 67 9.04 33.31 -8.94
N ILE A 68 9.36 32.40 -9.84
CA ILE A 68 10.56 32.56 -10.63
C ILE A 68 10.41 33.79 -11.56
N GLN A 69 9.23 33.95 -12.15
CA GLN A 69 8.96 35.08 -13.03
C GLN A 69 9.05 36.40 -12.26
N ALA A 70 8.74 36.32 -10.96
CA ALA A 70 8.75 37.47 -10.07
C ALA A 70 10.13 37.76 -9.49
N GLY A 71 11.11 36.92 -9.82
CA GLY A 71 12.47 37.01 -9.28
C GLY A 71 12.61 36.71 -7.79
N ALA A 72 11.79 35.81 -7.25
CA ALA A 72 11.79 35.50 -5.81
C ALA A 72 13.03 34.79 -5.32
N PHE A 73 13.74 34.12 -6.22
CA PHE A 73 14.78 33.21 -5.80
C PHE A 73 16.12 33.50 -6.46
N GLN A 74 17.19 33.11 -5.79
CA GLN A 74 18.52 33.16 -6.38
C GLN A 74 18.85 31.86 -7.13
N LYS A 75 19.60 31.98 -8.23
CA LYS A 75 19.97 30.81 -9.02
C LYS A 75 20.80 29.83 -8.20
N LEU A 76 20.59 28.54 -8.44
CA LEU A 76 21.31 27.50 -7.71
C LEU A 76 22.77 27.39 -8.15
N ASP A 77 23.68 27.37 -7.17
CA ASP A 77 25.09 27.05 -7.45
C ASP A 77 25.23 25.54 -7.34
N LYS A 78 25.06 24.83 -8.44
CA LYS A 78 25.01 23.37 -8.38
C LYS A 78 26.32 22.72 -7.92
N SER A 79 27.42 23.48 -7.92
CA SER A 79 28.68 22.95 -7.42
C SER A 79 28.56 22.67 -5.92
N LYS A 80 27.63 23.36 -5.26
CA LYS A 80 27.36 23.14 -3.86
C LYS A 80 26.25 22.11 -3.63
N LEU A 81 25.89 21.40 -4.70
CA LEU A 81 24.98 20.26 -4.61
C LEU A 81 25.58 19.04 -5.33
N PRO A 82 26.64 18.45 -4.75
CA PRO A 82 27.25 17.24 -5.32
C PRO A 82 26.21 16.15 -5.60
N ASN A 83 25.17 16.07 -4.76
CA ASN A 83 24.17 15.01 -4.89
C ASN A 83 23.13 15.24 -6.00
N TRP A 84 23.23 16.36 -6.71
CA TRP A 84 22.28 16.67 -7.79
C TRP A 84 22.15 15.49 -8.76
N LYS A 85 23.25 14.79 -8.97
CA LYS A 85 23.23 13.67 -9.91
C LYS A 85 22.39 12.48 -9.39
N ASN A 86 21.84 12.60 -8.17
CA ASN A 86 20.97 11.53 -7.66
C ASN A 86 19.53 11.66 -8.17
N LEU A 87 19.21 12.80 -8.76
CA LEU A 87 17.84 13.11 -9.19
C LEU A 87 17.43 12.36 -10.46
N ASP A 88 16.16 12.01 -10.54
CA ASP A 88 15.62 11.41 -11.76
C ASP A 88 15.62 12.43 -12.90
N PRO A 89 16.37 12.18 -13.99
CA PRO A 89 16.41 13.15 -15.09
C PRO A 89 15.06 13.35 -15.79
N ALA A 90 14.30 12.27 -15.94
CA ALA A 90 13.01 12.36 -16.61
C ALA A 90 12.07 13.32 -15.83
N LEU A 91 12.09 13.21 -14.50
CA LEU A 91 11.27 14.09 -13.66
C LEU A 91 11.76 15.55 -13.75
N LEU A 92 13.08 15.74 -13.70
CA LEU A 92 13.62 17.10 -13.84
C LEU A 92 13.13 17.71 -15.14
N LYS A 93 13.16 16.95 -16.22
CA LYS A 93 12.64 17.42 -17.51
C LYS A 93 11.18 17.84 -17.46
N GLN A 94 10.35 17.09 -16.75
CA GLN A 94 8.93 17.45 -16.59
C GLN A 94 8.76 18.78 -15.87
N LEU A 95 9.66 19.07 -14.93
CA LEU A 95 9.56 20.33 -14.19
C LEU A 95 10.14 21.52 -14.94
N GLU A 96 10.80 21.28 -16.06
CA GLU A 96 11.43 22.40 -16.77
C GLU A 96 10.42 23.39 -17.33
N VAL A 97 9.18 22.93 -17.47
CA VAL A 97 8.05 23.79 -17.83
C VAL A 97 7.92 24.97 -16.86
N SER A 98 8.32 24.75 -15.61
CA SER A 98 8.19 25.75 -14.57
C SER A 98 9.52 26.41 -14.24
N ASP A 99 10.61 25.70 -14.53
CA ASP A 99 11.95 26.15 -14.19
C ASP A 99 12.90 25.70 -15.31
N PRO A 100 12.94 26.46 -16.41
CA PRO A 100 13.75 26.06 -17.57
C PRO A 100 15.20 25.82 -17.15
N GLY A 101 15.76 24.66 -17.54
CA GLY A 101 17.12 24.31 -17.14
C GLY A 101 17.25 24.01 -15.65
N ASN A 102 16.11 23.87 -14.98
CA ASN A 102 16.10 23.61 -13.54
C ASN A 102 17.10 24.47 -12.79
N GLN A 103 17.06 25.77 -13.05
CA GLN A 103 18.05 26.68 -12.48
C GLN A 103 17.77 27.15 -11.06
N TYR A 104 16.53 26.98 -10.58
CA TYR A 104 16.14 27.61 -9.33
C TYR A 104 15.66 26.68 -8.22
N ALA A 105 15.25 25.46 -8.55
CA ALA A 105 14.55 24.67 -7.55
C ALA A 105 14.91 23.18 -7.61
N VAL A 106 14.82 22.51 -6.47
CA VAL A 106 15.19 21.10 -6.35
C VAL A 106 13.98 20.28 -5.92
N PRO A 107 13.60 19.27 -6.72
CA PRO A 107 12.49 18.41 -6.36
C PRO A 107 12.63 17.85 -4.96
N TYR A 108 11.50 17.75 -4.25
CA TYR A 108 11.52 17.29 -2.88
C TYR A 108 10.58 16.09 -2.77
N LEU A 109 9.28 16.35 -2.78
CA LEU A 109 8.29 15.27 -2.76
C LEU A 109 7.21 15.58 -3.81
N TRP A 110 6.46 14.56 -4.19
CA TRP A 110 5.39 14.73 -5.17
C TRP A 110 4.27 13.73 -4.90
N GLY A 111 3.10 14.00 -5.45
CA GLY A 111 1.93 13.22 -5.14
C GLY A 111 0.71 13.72 -5.83
N THR A 112 -0.46 13.36 -5.28
CA THR A 112 -1.74 13.68 -5.90
C THR A 112 -2.72 14.30 -4.92
N ASN A 113 -3.86 14.76 -5.42
CA ASN A 113 -4.98 15.03 -4.53
C ASN A 113 -6.11 14.05 -4.85
N GLY A 114 -7.07 13.93 -3.97
CA GLY A 114 -8.02 12.85 -4.09
C GLY A 114 -8.99 12.97 -2.93
N ILE A 115 -9.64 11.86 -2.58
CA ILE A 115 -10.61 11.86 -1.51
C ILE A 115 -10.09 10.98 -0.38
N GLY A 116 -10.05 11.52 0.83
CA GLY A 116 -9.75 10.68 2.02
C GLY A 116 -11.05 10.46 2.79
N TYR A 117 -11.32 9.23 3.23
CA TYR A 117 -12.61 8.95 3.81
C TYR A 117 -12.60 7.84 4.84
N ASN A 118 -13.54 7.94 5.76
CA ASN A 118 -13.75 6.94 6.81
C ASN A 118 -14.69 5.87 6.25
N VAL A 119 -14.13 4.71 5.97
CA VAL A 119 -14.85 3.60 5.32
C VAL A 119 -16.18 3.30 6.00
N ALA A 120 -16.12 3.04 7.30
CA ALA A 120 -17.33 2.65 8.04
C ALA A 120 -18.37 3.76 7.96
N LYS A 121 -17.96 4.99 8.22
CA LYS A 121 -18.92 6.09 8.26
C LYS A 121 -19.54 6.38 6.91
N VAL A 122 -18.75 6.28 5.84
CA VAL A 122 -19.31 6.52 4.51
C VAL A 122 -20.26 5.40 4.11
N LYS A 123 -19.95 4.18 4.54
CA LYS A 123 -20.81 3.05 4.20
C LYS A 123 -22.15 3.21 4.91
N GLU A 124 -22.10 3.76 6.12
CA GLU A 124 -23.29 3.97 6.92
C GLU A 124 -24.23 4.99 6.29
N VAL A 125 -23.69 6.02 5.67
CA VAL A 125 -24.52 7.07 5.08
C VAL A 125 -24.82 6.83 3.61
N LEU A 126 -23.92 6.13 2.91
CA LEU A 126 -24.05 5.93 1.48
C LEU A 126 -24.28 4.48 1.05
N GLY A 127 -24.21 3.55 1.99
CA GLY A 127 -24.36 2.12 1.68
C GLY A 127 -23.12 1.53 1.00
N ASP A 128 -23.22 0.28 0.56
CA ASP A 128 -22.07 -0.43 0.01
C ASP A 128 -21.75 -0.08 -1.44
N GLN A 129 -21.62 1.21 -1.74
CA GLN A 129 -21.27 1.62 -3.08
C GLN A 129 -19.78 1.96 -3.20
N PRO A 130 -19.23 1.81 -4.41
CA PRO A 130 -17.83 2.14 -4.64
C PRO A 130 -17.56 3.62 -4.36
N ILE A 131 -16.54 3.94 -3.58
CA ILE A 131 -16.15 5.33 -3.38
C ILE A 131 -15.03 5.65 -4.37
N ASP A 132 -15.40 6.04 -5.58
CA ASP A 132 -14.42 6.20 -6.66
C ASP A 132 -14.68 7.34 -7.64
N SER A 133 -15.44 8.36 -7.21
CA SER A 133 -15.74 9.50 -8.08
C SER A 133 -15.72 10.80 -7.30
N TRP A 134 -15.33 11.89 -7.96
CA TRP A 134 -15.42 13.22 -7.34
C TRP A 134 -16.87 13.56 -6.98
N ALA A 135 -17.81 12.77 -7.50
CA ALA A 135 -19.24 12.96 -7.25
C ALA A 135 -19.52 12.90 -5.76
N ILE A 136 -18.68 12.16 -5.03
CA ILE A 136 -18.81 12.05 -3.59
C ILE A 136 -18.79 13.43 -2.95
N LEU A 137 -17.96 14.32 -3.49
CA LEU A 137 -17.84 15.67 -2.94
C LEU A 137 -18.55 16.72 -3.75
N PHE A 138 -18.84 16.44 -5.01
CA PHE A 138 -19.35 17.52 -5.89
C PHE A 138 -20.82 17.38 -6.32
N GLU A 139 -21.50 16.33 -5.85
CA GLU A 139 -22.95 16.19 -6.06
C GLU A 139 -23.70 16.34 -4.73
N PRO A 140 -24.67 17.26 -4.69
CA PRO A 140 -25.53 17.47 -3.51
C PRO A 140 -26.20 16.19 -3.04
N GLU A 141 -26.46 15.25 -3.96
CA GLU A 141 -27.15 14.02 -3.59
C GLU A 141 -26.31 13.21 -2.61
N ASN A 142 -25.00 13.28 -2.79
CA ASN A 142 -24.09 12.62 -1.86
C ASN A 142 -23.83 13.49 -0.64
N LYS A 144 -25.41 16.10 0.80
CA LYS A 144 -26.50 16.41 1.72
C LYS A 144 -26.57 15.31 2.77
N LYS A 145 -26.11 14.11 2.41
CA LYS A 145 -26.09 13.00 3.36
C LYS A 145 -24.83 12.97 4.22
N LEU A 146 -23.70 13.34 3.61
CA LEU A 146 -22.40 13.31 4.29
C LEU A 146 -22.23 14.45 5.29
N ALA A 147 -22.94 15.55 5.04
CA ALA A 147 -22.76 16.79 5.80
C ALA A 147 -22.75 16.53 7.29
N LYS A 148 -23.72 15.72 7.73
CA LYS A 148 -23.96 15.45 9.12
C LYS A 148 -22.75 14.78 9.80
N CYS A 149 -21.94 14.06 9.03
CA CYS A 149 -20.79 13.35 9.59
C CYS A 149 -19.47 14.11 9.39
N GLY A 150 -19.56 15.28 8.76
CA GLY A 150 -18.44 16.19 8.68
C GLY A 150 -17.68 16.03 7.39
N VAL A 151 -17.47 17.15 6.71
CA VAL A 151 -16.77 17.18 5.43
C VAL A 151 -15.82 18.37 5.37
N ALA A 152 -14.60 18.12 4.92
CA ALA A 152 -13.59 19.15 4.76
C ALA A 152 -13.23 19.35 3.29
N PHE A 153 -13.14 20.62 2.90
CA PHE A 153 -12.59 21.03 1.62
C PHE A 153 -11.31 21.81 1.92
N ASP A 155 -8.73 24.97 1.80
CA ASP A 155 -8.84 26.43 1.79
C ASP A 155 -8.00 27.00 0.63
N SER A 156 -8.39 26.70 -0.61
CA SER A 156 -7.54 27.07 -1.76
C SER A 156 -8.34 27.02 -3.06
N GLY A 157 -8.39 28.14 -3.77
CA GLY A 157 -8.99 28.17 -5.09
C GLY A 157 -8.19 27.32 -6.07
N ASP A 158 -6.87 27.33 -5.91
CA ASP A 158 -5.98 26.59 -6.79
C ASP A 158 -6.26 25.09 -6.74
N GLU A 159 -6.76 24.62 -5.62
CA GLU A 159 -7.05 23.20 -5.49
C GLU A 159 -8.46 22.87 -5.95
N LEU A 161 -10.98 24.66 -7.56
CA LEU A 161 -11.58 25.03 -8.85
C LEU A 161 -11.14 24.06 -9.96
N PRO A 162 -9.84 23.86 -10.14
CA PRO A 162 -9.36 22.90 -11.13
C PRO A 162 -9.94 21.48 -10.89
N ALA A 163 -10.08 21.08 -9.64
CA ALA A 163 -10.72 19.79 -9.34
C ALA A 163 -12.15 19.76 -9.89
N ALA A 164 -12.91 20.81 -9.60
CA ALA A 164 -14.30 20.88 -10.09
C ALA A 164 -14.33 20.91 -11.61
N LEU A 165 -13.50 21.75 -12.20
CA LEU A 165 -13.35 21.77 -13.66
C LEU A 165 -13.12 20.37 -14.22
N ASN A 166 -12.07 19.70 -13.74
CA ASN A 166 -11.79 18.35 -14.20
C ASN A 166 -12.98 17.41 -14.02
N TYR A 167 -13.65 17.47 -12.88
CA TYR A 167 -14.86 16.67 -12.66
C TYR A 167 -15.90 16.88 -13.77
N LEU A 168 -16.06 18.13 -14.18
CA LEU A 168 -16.99 18.46 -15.26
C LEU A 168 -16.47 18.11 -16.66
N GLY A 169 -15.30 17.51 -16.76
CA GLY A 169 -14.72 17.20 -18.08
C GLY A 169 -14.02 18.38 -18.75
N LEU A 170 -13.85 19.48 -18.00
CA LEU A 170 -13.29 20.69 -18.56
C LEU A 170 -11.78 20.76 -18.30
N ASP A 171 -11.08 21.63 -19.01
CA ASP A 171 -9.64 21.79 -18.79
C ASP A 171 -9.38 22.45 -17.44
N PRO A 172 -8.72 21.71 -16.54
CA PRO A 172 -8.41 22.28 -15.22
C PRO A 172 -7.55 23.53 -15.36
N ASN A 173 -6.76 23.59 -16.42
CA ASN A 173 -5.92 24.75 -16.68
C ASN A 173 -6.54 25.75 -17.67
N THR A 174 -7.86 25.73 -17.78
CA THR A 174 -8.56 26.55 -18.75
C THR A 174 -8.36 28.04 -18.45
N HIS A 175 -8.38 28.86 -19.49
CA HIS A 175 -8.37 30.32 -19.34
C HIS A 175 -9.78 30.91 -19.43
N ASP A 176 -10.76 30.04 -19.67
CA ASP A 176 -12.11 30.45 -20.07
C ASP A 176 -13.02 30.76 -18.89
N PRO A 177 -13.48 32.02 -18.76
CA PRO A 177 -14.39 32.45 -17.70
C PRO A 177 -15.71 31.69 -17.69
N LYS A 178 -16.17 31.24 -18.85
CA LYS A 178 -17.40 30.43 -18.89
C LYS A 178 -17.20 29.12 -18.13
N ASP A 179 -16.01 28.53 -18.27
CA ASP A 179 -15.71 27.30 -17.55
C ASP A 179 -15.68 27.54 -16.04
N TYR A 180 -15.06 28.64 -15.63
CA TYR A 180 -14.94 28.95 -14.20
C TYR A 180 -16.31 29.11 -13.55
N LYS A 181 -17.24 29.69 -14.29
CA LYS A 181 -18.61 29.87 -13.79
C LYS A 181 -19.32 28.52 -13.61
N LYS A 182 -19.01 27.55 -14.47
CA LYS A 182 -19.57 26.21 -14.33
C LYS A 182 -19.04 25.52 -13.09
N ALA A 183 -17.71 25.59 -12.92
CA ALA A 183 -17.06 25.06 -11.73
C ALA A 183 -17.60 25.73 -10.46
N GLU A 184 -17.75 27.06 -10.51
CA GLU A 184 -18.25 27.83 -9.37
C GLU A 184 -19.61 27.29 -8.91
N GLU A 185 -20.47 27.03 -9.89
CA GLU A 185 -21.82 26.54 -9.65
C GLU A 185 -21.77 25.20 -8.90
N VAL A 186 -20.95 24.28 -9.38
CA VAL A 186 -20.77 23.00 -8.71
C VAL A 186 -20.40 23.22 -7.25
N LEU A 187 -19.40 24.06 -7.02
CA LEU A 187 -18.88 24.24 -5.68
C LEU A 187 -19.88 24.93 -4.76
N THR A 188 -20.55 25.96 -5.28
CA THR A 188 -21.50 26.71 -4.48
C THR A 188 -22.66 25.82 -4.03
N LYS A 189 -23.09 24.91 -4.91
CA LYS A 189 -24.21 24.03 -4.61
C LYS A 189 -23.94 23.06 -3.46
N VAL A 190 -22.67 22.73 -3.22
CA VAL A 190 -22.37 21.82 -2.12
C VAL A 190 -21.81 22.52 -0.86
N ARG A 191 -21.55 23.82 -0.98
CA ARG A 191 -20.97 24.61 0.13
C ARG A 191 -21.71 24.48 1.48
N PRO A 192 -23.04 24.46 1.44
CA PRO A 192 -23.81 24.36 2.67
C PRO A 192 -23.48 23.07 3.44
N TYR A 193 -22.92 22.08 2.75
CA TYR A 193 -22.63 20.78 3.37
C TYR A 193 -21.18 20.67 3.82
N VAL A 194 -20.34 21.57 3.33
CA VAL A 194 -18.93 21.53 3.71
C VAL A 194 -18.81 22.03 5.14
N SER A 195 -18.22 21.22 6.01
CA SER A 195 -18.03 21.62 7.41
C SER A 195 -17.09 22.80 7.54
N TYR A 196 -15.98 22.76 6.81
CA TYR A 196 -15.00 23.84 6.87
C TYR A 196 -14.03 23.76 5.71
N PHE A 197 -13.43 24.89 5.37
CA PHE A 197 -12.38 24.95 4.36
C PHE A 197 -11.07 25.08 5.10
N HIS A 198 -10.21 24.07 5.04
CA HIS A 198 -8.94 24.10 5.75
C HIS A 198 -8.04 23.01 5.15
N SER A 199 -6.77 23.33 4.96
CA SER A 199 -5.86 22.45 4.21
C SER A 199 -4.96 21.58 5.10
N SER A 200 -5.19 21.54 6.40
CA SER A 200 -4.43 20.60 7.25
C SER A 200 -5.25 19.97 8.38
N LYS A 201 -6.23 20.71 8.87
CA LYS A 201 -7.09 20.23 9.96
C LYS A 201 -7.70 18.86 9.65
N TYR A 202 -7.84 18.54 8.36
CA TYR A 202 -8.55 17.31 7.97
C TYR A 202 -7.83 16.03 8.34
N ILE A 203 -6.54 16.13 8.61
CA ILE A 203 -5.79 14.93 8.97
C ILE A 203 -6.21 14.43 10.35
N SER A 204 -6.10 15.25 11.37
CA SER A 204 -6.49 14.82 12.70
C SER A 204 -7.99 14.54 12.76
N ASP A 205 -8.80 15.33 12.04
CA ASP A 205 -10.25 15.11 12.01
C ASP A 205 -10.65 13.74 11.42
N LEU A 206 -9.99 13.33 10.34
CA LEU A 206 -10.25 12.01 9.76
C LEU A 206 -9.84 10.93 10.76
N ALA A 207 -8.67 11.10 11.37
CA ALA A 207 -8.09 10.11 12.28
C ALA A 207 -8.98 9.85 13.47
N ASN A 208 -9.56 10.91 14.04
CA ASN A 208 -10.34 10.75 15.27
C ASN A 208 -11.85 10.67 15.04
N GLY A 209 -12.27 10.71 13.78
CA GLY A 209 -13.69 10.57 13.45
C GLY A 209 -14.54 11.83 13.48
N ASN A 210 -13.93 12.99 13.72
CA ASN A 210 -14.65 14.27 13.67
C ASN A 210 -15.22 14.59 12.29
N ILE A 211 -14.54 14.12 11.26
CA ILE A 211 -15.12 14.18 9.91
C ILE A 211 -15.05 12.80 9.24
N CYS A 212 -15.89 12.59 8.24
CA CYS A 212 -15.95 11.30 7.55
C CYS A 212 -15.32 11.32 6.15
N VAL A 213 -15.19 12.49 5.55
CA VAL A 213 -14.62 12.59 4.20
C VAL A 213 -13.91 13.92 4.02
N ALA A 214 -12.90 13.94 3.16
CA ALA A 214 -12.16 15.16 2.93
C ALA A 214 -11.54 15.21 1.54
N PHE A 215 -11.47 16.40 0.95
CA PHE A 215 -10.57 16.64 -0.17
C PHE A 215 -9.15 16.64 0.42
N GLY A 216 -8.26 15.83 -0.11
CA GLY A 216 -6.98 15.67 0.54
C GLY A 216 -5.79 15.36 -0.34
N TYR A 217 -4.60 15.53 0.21
CA TYR A 217 -3.37 15.13 -0.46
C TYR A 217 -3.05 13.69 -0.04
N SER A 218 -2.54 12.92 -0.98
CA SER A 218 -2.30 11.48 -0.80
C SER A 218 -1.58 11.11 0.53
N GLY A 219 -0.36 11.58 0.70
CA GLY A 219 0.40 11.29 1.91
C GLY A 219 -0.27 11.79 3.19
N ASP A 220 -0.95 12.93 3.12
CA ASP A 220 -1.69 13.42 4.28
C ASP A 220 -2.73 12.41 4.70
N VAL A 221 -3.47 11.87 3.74
CA VAL A 221 -4.50 10.87 4.02
C VAL A 221 -3.87 9.60 4.62
N PHE A 222 -2.74 9.19 4.06
CA PHE A 222 -2.03 8.02 4.58
C PHE A 222 -1.55 8.25 6.02
N GLN A 223 -1.09 9.46 6.33
CA GLN A 223 -0.73 9.81 7.70
C GLN A 223 -1.94 9.70 8.64
N ALA A 224 -3.09 10.19 8.19
CA ALA A 224 -4.33 10.09 8.95
C ALA A 224 -4.69 8.64 9.22
N ALA A 225 -4.58 7.78 8.22
CA ALA A 225 -4.91 6.36 8.37
C ALA A 225 -3.99 5.69 9.40
N ALA A 226 -2.72 6.07 9.38
CA ALA A 226 -1.76 5.53 10.34
C ALA A 226 -2.08 6.01 11.75
N ARG A 227 -2.37 7.30 11.90
CA ARG A 227 -2.77 7.81 13.23
C ARG A 227 -4.03 7.09 13.71
N ALA A 228 -4.95 6.79 12.80
CA ALA A 228 -6.19 6.13 13.17
C ALA A 228 -5.93 4.70 13.64
N GLU A 229 -4.96 4.03 13.03
CA GLU A 229 -4.62 2.68 13.47
C GLU A 229 -3.94 2.71 14.81
N GLU A 230 -3.03 3.66 14.99
CA GLU A 230 -2.32 3.80 16.24
C GLU A 230 -3.27 4.21 17.36
N ALA A 231 -4.38 4.84 17.00
CA ALA A 231 -5.39 5.25 17.99
C ALA A 231 -6.05 4.03 18.62
N GLY A 232 -6.17 2.96 17.85
CA GLY A 232 -6.79 1.72 18.31
C GLY A 232 -8.31 1.81 18.48
N LYS A 233 -8.96 2.65 17.70
CA LYS A 233 -10.43 2.73 17.74
C LYS A 233 -11.09 2.25 16.45
N GLY A 234 -10.37 1.42 15.72
CA GLY A 234 -10.95 0.71 14.60
C GLY A 234 -11.33 1.61 13.45
N ILE A 235 -10.87 2.86 13.48
CA ILE A 235 -11.12 3.75 12.33
C ILE A 235 -10.28 3.42 11.08
N ASP A 236 -10.97 3.15 9.98
CA ASP A 236 -10.36 2.78 8.70
C ASP A 236 -10.40 3.97 7.74
N ILE A 237 -9.27 4.65 7.55
CA ILE A 237 -9.19 5.78 6.62
C ILE A 237 -8.56 5.33 5.29
N GLN A 238 -9.19 5.69 4.18
CA GLN A 238 -8.71 5.29 2.85
C GLN A 238 -8.51 6.48 1.91
N TYR A 239 -7.58 6.36 0.97
CA TYR A 239 -7.34 7.42 -0.01
C TYR A 239 -7.70 6.92 -1.41
N VAL A 240 -8.34 7.76 -2.20
CA VAL A 240 -8.73 7.34 -3.54
C VAL A 240 -8.43 8.42 -4.57
N ILE A 241 -7.74 8.04 -5.64
CA ILE A 241 -7.59 8.89 -6.80
C ILE A 241 -8.80 8.61 -7.67
N PRO A 242 -9.73 9.56 -7.77
CA PRO A 242 -11.02 9.28 -8.44
C PRO A 242 -10.90 8.94 -9.93
N LYS A 243 -11.95 8.32 -10.47
CA LYS A 243 -11.94 7.83 -11.84
C LYS A 243 -11.85 8.95 -12.87
N GLU A 244 -12.28 10.16 -12.50
CA GLU A 244 -12.16 11.31 -13.42
C GLU A 244 -10.72 11.82 -13.47
N GLY A 245 -9.88 11.28 -12.60
CA GLY A 245 -8.48 11.73 -12.49
C GLY A 245 -8.33 12.79 -11.41
N ALA A 246 -7.17 13.42 -11.37
CA ALA A 246 -6.86 14.33 -10.28
C ALA A 246 -5.56 15.08 -10.53
N ASN A 247 -5.20 15.94 -9.59
CA ASN A 247 -3.98 16.74 -9.75
C ASN A 247 -2.75 15.92 -9.43
N LEU A 248 -1.75 16.03 -10.30
CA LEU A 248 -0.41 15.51 -10.06
C LEU A 248 0.48 16.74 -9.88
N TRP A 249 1.19 16.81 -8.75
CA TRP A 249 1.95 18.00 -8.40
C TRP A 249 3.31 17.61 -7.84
N PHE A 250 4.24 18.56 -7.86
CA PHE A 250 5.59 18.38 -7.38
C PHE A 250 5.95 19.54 -6.46
N ASP A 251 6.52 19.24 -5.30
CA ASP A 251 7.01 20.31 -4.46
C ASP A 251 8.53 20.42 -4.55
N LEU A 252 9.05 21.64 -4.55
CA LEU A 252 10.47 21.86 -4.79
C LEU A 252 11.00 22.87 -3.81
N ALA A 254 13.51 25.93 -2.90
CA ALA A 254 14.17 27.05 -3.55
C ALA A 254 14.68 28.03 -2.49
N ILE A 255 15.68 28.82 -2.87
CA ILE A 255 16.35 29.76 -1.95
C ILE A 255 15.99 31.19 -2.29
N PRO A 256 15.26 31.87 -1.39
CA PRO A 256 14.89 33.25 -1.62
C PRO A 256 16.10 34.10 -1.98
N ALA A 257 15.88 35.10 -2.82
CA ALA A 257 16.95 35.98 -3.30
C ALA A 257 17.68 36.66 -2.14
N ASP A 258 16.93 37.06 -1.12
CA ASP A 258 17.49 37.78 0.03
C ASP A 258 17.91 36.85 1.18
N ALA A 259 18.18 35.59 0.89
CA ALA A 259 18.50 34.62 1.94
C ALA A 259 19.79 35.00 2.66
N LYS A 260 19.81 34.82 3.97
CA LYS A 260 20.99 35.16 4.79
C LYS A 260 22.01 34.02 4.89
N ALA A 261 21.55 32.79 4.84
CA ALA A 261 22.44 31.66 5.04
C ALA A 261 22.30 30.67 3.90
N ALA A 262 22.64 31.12 2.70
CA ALA A 262 22.58 30.30 1.49
C ALA A 262 23.40 29.02 1.62
N ASP A 263 24.67 29.17 2.03
CA ASP A 263 25.55 28.02 2.18
C ASP A 263 24.89 26.97 3.07
N ASN A 264 24.24 27.40 4.16
CA ASN A 264 23.53 26.45 5.01
C ASN A 264 22.37 25.78 4.29
N ALA A 265 21.69 26.55 3.44
CA ALA A 265 20.59 26.00 2.64
C ALA A 265 21.11 24.88 1.73
N TYR A 266 22.20 25.15 1.00
CA TYR A 266 22.84 24.12 0.15
C TYR A 266 23.17 22.83 0.93
N ALA A 267 23.76 22.98 2.11
CA ALA A 267 24.06 21.80 2.92
C ALA A 267 22.80 20.97 3.19
N PHE A 268 21.71 21.65 3.57
CA PHE A 268 20.46 20.95 3.88
C PHE A 268 19.92 20.17 2.67
N ILE A 269 19.88 20.84 1.53
CA ILE A 269 19.33 20.26 0.32
C ILE A 269 20.18 19.12 -0.16
N ASP A 270 21.50 19.26 -0.04
CA ASP A 270 22.40 18.19 -0.44
C ASP A 270 22.22 16.98 0.45
N TYR A 271 21.91 17.24 1.72
CA TYR A 271 21.69 16.19 2.68
C TYR A 271 20.41 15.41 2.30
N LEU A 272 19.39 16.14 1.85
CA LEU A 272 18.10 15.53 1.48
C LEU A 272 18.12 14.77 0.15
N LEU A 273 19.11 15.06 -0.69
CA LEU A 273 19.26 14.36 -1.96
C LEU A 273 19.86 12.96 -1.77
N ARG A 274 20.32 12.68 -0.54
CA ARG A 274 20.88 11.36 -0.23
C ARG A 274 19.76 10.32 -0.17
N PRO A 275 19.97 9.18 -0.86
CA PRO A 275 18.93 8.15 -0.95
C PRO A 275 18.39 7.71 0.40
N GLU A 276 19.27 7.47 1.36
CA GLU A 276 18.84 6.92 2.64
C GLU A 276 18.10 7.94 3.48
N VAL A 277 18.40 9.23 3.27
CA VAL A 277 17.74 10.31 4.00
C VAL A 277 16.33 10.54 3.45
N ILE A 278 16.21 10.72 2.15
CA ILE A 278 14.91 10.94 1.52
C ILE A 278 14.00 9.70 1.64
N ALA A 279 14.61 8.52 1.70
CA ALA A 279 13.85 7.30 1.93
C ALA A 279 13.07 7.35 3.24
N LYS A 280 13.75 7.78 4.30
CA LYS A 280 13.16 7.87 5.64
C LYS A 280 12.05 8.90 5.66
N VAL A 281 12.27 10.02 4.98
CA VAL A 281 11.19 11.00 4.88
C VAL A 281 9.95 10.41 4.20
N SER A 282 10.12 9.87 2.99
CA SER A 282 8.98 9.30 2.26
C SER A 282 8.29 8.22 3.04
N ASP A 283 9.09 7.42 3.74
CA ASP A 283 8.57 6.33 4.58
C ASP A 283 7.64 6.86 5.66
N TYR A 284 7.95 8.04 6.18
CA TYR A 284 7.12 8.58 7.22
C TYR A 284 5.89 9.34 6.72
N VAL A 285 6.08 10.19 5.70
CA VAL A 285 4.99 11.07 5.26
C VAL A 285 4.10 10.50 4.15
N GLY A 286 4.52 9.40 3.52
CA GLY A 286 3.69 8.73 2.49
C GLY A 286 3.66 9.43 1.15
N TYR A 287 4.73 10.13 0.83
CA TYR A 287 4.86 10.76 -0.48
C TYR A 287 6.08 10.23 -1.24
N ALA A 288 5.92 10.04 -2.53
CA ALA A 288 7.07 9.67 -3.38
C ALA A 288 8.13 10.79 -3.41
N ASN A 289 9.38 10.40 -3.65
CA ASN A 289 10.48 11.35 -3.86
C ASN A 289 11.05 11.25 -5.29
N ALA A 290 11.99 12.13 -5.64
CA ALA A 290 12.55 12.17 -6.99
C ALA A 290 13.94 11.49 -7.11
N ILE A 291 14.27 10.62 -6.15
CA ILE A 291 15.60 9.97 -6.07
C ILE A 291 15.47 8.46 -6.35
N PRO A 292 15.81 8.03 -7.58
CA PRO A 292 15.58 6.62 -7.92
C PRO A 292 16.33 5.70 -6.97
N GLY A 293 17.50 6.15 -6.51
CA GLY A 293 18.29 5.36 -5.56
C GLY A 293 17.62 5.11 -4.20
N ALA A 294 16.58 5.88 -3.90
CA ALA A 294 15.87 5.71 -2.62
C ALA A 294 14.91 4.51 -2.61
N ARG A 295 14.46 4.07 -3.79
CA ARG A 295 13.39 3.06 -3.84
C ARG A 295 13.79 1.77 -3.14
N PRO A 296 14.98 1.24 -3.46
CA PRO A 296 15.41 -0.01 -2.82
C PRO A 296 15.49 0.09 -1.29
N LEU A 297 15.58 1.30 -0.75
CA LEU A 297 15.72 1.49 0.69
C LEU A 297 14.42 1.78 1.43
N ASP A 299 10.36 1.50 2.69
CA ASP A 299 9.33 0.55 3.08
C ASP A 299 8.53 0.13 1.86
N LYS A 300 8.38 -1.19 1.64
CA LYS A 300 7.60 -1.68 0.50
C LYS A 300 6.16 -1.20 0.56
N SER A 301 5.66 -1.00 1.77
CA SER A 301 4.28 -0.53 1.93
C SER A 301 4.09 0.83 1.24
N VAL A 302 5.17 1.60 1.12
CA VAL A 302 5.11 2.90 0.45
C VAL A 302 5.50 2.80 -1.01
N SER A 303 6.64 2.18 -1.29
CA SER A 303 7.16 2.14 -2.66
C SER A 303 6.28 1.28 -3.59
N ASP A 304 5.60 0.28 -3.04
CA ASP A 304 4.79 -0.64 -3.83
C ASP A 304 3.30 -0.27 -3.90
N SER A 305 2.95 0.91 -3.36
CA SER A 305 1.59 1.41 -3.47
C SER A 305 1.35 2.12 -4.80
N GLU A 306 0.34 1.67 -5.56
CA GLU A 306 0.01 2.32 -6.84
C GLU A 306 -0.65 3.66 -6.63
N GLU A 307 -0.90 4.06 -5.39
CA GLU A 307 -1.36 5.43 -5.17
C GLU A 307 -0.24 6.39 -4.80
N VAL A 308 0.82 5.90 -4.19
CA VAL A 308 2.00 6.75 -3.91
C VAL A 308 2.84 6.88 -5.19
N TYR A 309 3.08 5.75 -5.86
CA TYR A 309 3.84 5.68 -7.11
C TYR A 309 2.92 5.12 -8.20
N PRO A 310 2.07 5.96 -8.80
CA PRO A 310 1.04 5.45 -9.73
C PRO A 310 1.58 4.93 -11.07
N PRO A 311 0.97 3.85 -11.60
CA PRO A 311 1.38 3.34 -12.91
C PRO A 311 0.88 4.25 -14.03
N GLN A 312 1.32 3.97 -15.26
CA GLN A 312 1.02 4.83 -16.41
C GLN A 312 -0.47 5.00 -16.71
N ALA A 313 -1.24 3.92 -16.56
CA ALA A 313 -2.68 4.00 -16.79
C ALA A 313 -3.36 5.08 -15.91
N VAL A 314 -2.79 5.29 -14.72
CA VAL A 314 -3.33 6.28 -13.81
C VAL A 314 -2.75 7.65 -14.09
N LEU A 315 -1.43 7.73 -14.21
CA LEU A 315 -0.75 8.98 -14.53
C LEU A 315 -1.37 9.65 -15.76
N ASP A 316 -1.93 8.84 -16.64
CA ASP A 316 -2.55 9.33 -17.87
C ASP A 316 -3.86 10.06 -17.66
N LYS A 317 -4.52 9.79 -16.53
CA LYS A 317 -5.73 10.50 -16.21
C LYS A 317 -5.49 11.80 -15.42
N LEU A 318 -4.26 12.00 -14.95
CA LEU A 318 -3.98 13.12 -14.03
C LEU A 318 -3.62 14.42 -14.76
N TYR A 319 -3.91 15.56 -14.13
CA TYR A 319 -3.51 16.85 -14.71
C TYR A 319 -2.42 17.52 -13.89
N VAL A 320 -1.38 18.04 -14.56
CA VAL A 320 -0.38 18.89 -13.89
C VAL A 320 -0.81 20.35 -13.98
N SER A 321 -0.70 21.09 -12.87
CA SER A 321 -1.15 22.49 -12.83
C SER A 321 -0.23 23.36 -13.66
N ALA A 322 -0.79 24.18 -14.53
CA ALA A 322 0.04 24.99 -15.40
C ALA A 322 0.50 26.27 -14.68
N VAL A 323 1.57 26.87 -15.19
CA VAL A 323 1.94 28.20 -14.71
C VAL A 323 0.99 29.17 -15.44
N LEU A 324 -0.02 29.69 -14.75
CA LEU A 324 -1.06 30.46 -15.43
C LEU A 324 -0.76 31.96 -15.53
N PRO A 325 -1.32 32.63 -16.56
CA PRO A 325 -1.18 34.09 -16.64
C PRO A 325 -1.92 34.73 -15.48
N ALA A 326 -1.41 35.88 -15.05
CA ALA A 326 -2.01 36.63 -13.98
C ALA A 326 -3.52 36.83 -14.19
N LYS A 327 -3.95 37.11 -15.42
CA LYS A 327 -5.37 37.34 -15.68
C LYS A 327 -6.24 36.16 -15.23
N VAL A 328 -5.75 34.94 -15.45
CA VAL A 328 -6.53 33.76 -15.11
C VAL A 328 -6.46 33.51 -13.62
N LEU A 329 -5.32 33.79 -13.03
CA LEU A 329 -5.15 33.66 -11.58
C LEU A 329 -6.07 34.65 -10.85
N ARG A 330 -6.26 35.85 -11.40
CA ARG A 330 -7.23 36.77 -10.78
C ARG A 330 -8.65 36.23 -10.88
N LEU A 331 -8.98 35.70 -12.05
CA LEU A 331 -10.29 35.07 -12.28
C LEU A 331 -10.51 33.96 -11.26
N GLN A 332 -9.49 33.14 -11.09
CA GLN A 332 -9.56 32.03 -10.13
C GLN A 332 -9.79 32.54 -8.70
N THR A 333 -9.04 33.58 -8.33
CA THR A 333 -9.14 34.15 -6.99
C THR A 333 -10.51 34.75 -6.71
N ARG A 334 -11.00 35.58 -7.63
CA ARG A 334 -12.32 36.18 -7.47
C ARG A 334 -13.39 35.11 -7.35
N THR A 335 -13.27 34.05 -8.16
CA THR A 335 -14.28 33.01 -8.12
C THR A 335 -14.28 32.27 -6.77
N TRP A 336 -13.10 32.07 -6.21
CA TRP A 336 -12.94 31.34 -4.95
C TRP A 336 -13.45 32.16 -3.77
N THR A 337 -13.21 33.47 -3.81
CA THR A 337 -13.65 34.34 -2.74
C THR A 337 -15.17 34.34 -2.65
N ARG A 338 -15.82 34.45 -3.81
CA ARG A 338 -17.28 34.44 -3.85
C ARG A 338 -17.79 33.13 -3.25
N ILE A 339 -17.12 32.04 -3.56
CA ILE A 339 -17.45 30.75 -2.94
C ILE A 339 -17.08 30.72 -1.44
N LYS A 340 -15.82 30.97 -1.12
CA LYS A 340 -15.40 30.92 0.28
C LYS A 340 -16.15 31.97 1.08
N LEU B 7 -22.71 -26.24 10.50
CA LEU B 7 -21.65 -26.27 9.44
C LEU B 7 -20.24 -26.35 10.05
N HIS B 8 -19.47 -27.34 9.64
CA HIS B 8 -18.13 -27.54 10.20
C HIS B 8 -17.03 -27.16 9.20
N ILE B 9 -16.26 -26.13 9.54
CA ILE B 9 -15.24 -25.59 8.64
C ILE B 9 -13.84 -25.74 9.24
N TYR B 10 -12.89 -26.16 8.41
CA TYR B 10 -11.50 -26.23 8.81
C TYR B 10 -10.76 -25.30 7.85
N ASN B 11 -10.29 -24.17 8.36
CA ASN B 11 -9.60 -23.18 7.52
C ASN B 11 -8.24 -22.82 8.13
N TRP B 12 -7.47 -22.05 7.37
CA TRP B 12 -6.21 -21.53 7.84
C TRP B 12 -6.42 -20.53 8.97
N THR B 13 -5.42 -20.40 9.83
CA THR B 13 -5.43 -19.37 10.87
C THR B 13 -5.42 -18.01 10.18
N ASP B 14 -5.98 -17.01 10.86
CA ASP B 14 -5.93 -15.62 10.41
C ASP B 14 -6.33 -15.47 8.95
N TYR B 15 -7.54 -15.92 8.60
CA TYR B 15 -7.86 -16.04 7.18
C TYR B 15 -9.33 -15.79 6.94
N ILE B 16 -9.88 -14.92 7.78
CA ILE B 16 -11.29 -14.55 7.73
C ILE B 16 -11.49 -13.28 8.55
N ALA B 17 -12.46 -12.45 8.17
CA ALA B 17 -12.75 -11.22 8.90
C ALA B 17 -13.56 -11.55 10.14
N PRO B 18 -13.35 -10.81 11.23
CA PRO B 18 -13.95 -11.07 12.54
C PRO B 18 -15.47 -11.19 12.55
N THR B 19 -16.14 -10.60 11.57
CA THR B 19 -17.59 -10.61 11.55
C THR B 19 -18.16 -11.43 10.37
N THR B 20 -17.29 -12.01 9.55
CA THR B 20 -17.76 -12.77 8.40
C THR B 20 -18.71 -13.91 8.81
N LEU B 21 -18.28 -14.71 9.80
CA LEU B 21 -19.10 -15.81 10.31
C LEU B 21 -20.39 -15.33 10.95
N LYS B 22 -20.28 -14.32 11.82
CA LYS B 22 -21.47 -13.75 12.47
C LYS B 22 -22.45 -13.21 11.42
N ASP B 23 -21.95 -12.48 10.43
CA ASP B 23 -22.81 -11.99 9.33
C ASP B 23 -23.49 -13.15 8.62
N PHE B 24 -22.74 -14.21 8.31
CA PHE B 24 -23.30 -15.35 7.59
C PHE B 24 -24.43 -16.03 8.37
N THR B 25 -24.18 -16.27 9.66
CA THR B 25 -25.15 -16.94 10.53
C THR B 25 -26.48 -16.20 10.70
N LYS B 26 -26.40 -14.89 10.95
CA LYS B 26 -27.59 -14.05 11.03
C LYS B 26 -28.39 -14.11 9.73
N GLU B 27 -27.68 -14.10 8.62
CA GLU B 27 -28.33 -14.04 7.32
C GLU B 27 -28.96 -15.38 6.95
N SER B 28 -28.32 -16.48 7.37
CA SER B 28 -28.72 -17.79 6.92
C SER B 28 -29.30 -18.67 8.02
N GLY B 29 -29.13 -18.28 9.29
CA GLY B 29 -29.53 -19.12 10.42
C GLY B 29 -28.70 -20.40 10.56
N ILE B 30 -27.61 -20.50 9.80
CA ILE B 30 -26.75 -21.68 9.89
C ILE B 30 -25.64 -21.42 10.91
N ASP B 31 -25.54 -22.28 11.92
CA ASP B 31 -24.51 -22.09 12.94
C ASP B 31 -23.17 -22.70 12.53
N VAL B 32 -22.08 -22.10 12.98
CA VAL B 32 -20.76 -22.49 12.50
C VAL B 32 -19.81 -23.01 13.58
N SER B 33 -19.20 -24.17 13.32
CA SER B 33 -18.06 -24.66 14.09
C SER B 33 -16.82 -24.39 13.25
N TYR B 34 -15.94 -23.51 13.71
CA TYR B 34 -14.83 -23.03 12.90
C TYR B 34 -13.53 -23.47 13.54
N ASP B 35 -12.80 -24.37 12.88
CA ASP B 35 -11.52 -24.83 13.40
C ASP B 35 -10.43 -24.38 12.47
N VAL B 36 -9.24 -24.16 13.01
CA VAL B 36 -8.16 -23.68 12.16
C VAL B 36 -6.93 -24.58 12.21
N PHE B 37 -6.19 -24.56 11.10
CA PHE B 37 -4.88 -25.21 11.01
C PHE B 37 -3.88 -24.17 10.47
N ASP B 38 -2.59 -24.42 10.62
CA ASP B 38 -1.63 -23.46 10.08
C ASP B 38 -0.73 -24.00 8.96
N SER B 39 -0.93 -25.25 8.54
CA SER B 39 -0.13 -25.79 7.44
C SER B 39 -0.91 -26.80 6.60
N ASN B 40 -0.60 -26.86 5.31
CA ASN B 40 -1.19 -27.87 4.43
C ASN B 40 -0.98 -29.29 4.96
N GLU B 41 0.21 -29.56 5.50
CA GLU B 41 0.53 -30.89 6.05
C GLU B 41 -0.47 -31.26 7.14
N THR B 42 -0.78 -30.31 8.01
CA THR B 42 -1.79 -30.52 9.05
C THR B 42 -3.16 -30.89 8.49
N LEU B 43 -3.67 -30.10 7.55
CA LEU B 43 -4.92 -30.47 6.88
C LEU B 43 -4.86 -31.87 6.26
N GLU B 44 -3.79 -32.13 5.53
CA GLU B 44 -3.62 -33.39 4.83
C GLU B 44 -3.70 -34.55 5.81
N GLY B 45 -2.99 -34.44 6.93
CA GLY B 45 -3.03 -35.45 7.98
C GLY B 45 -4.47 -35.74 8.40
N LYS B 46 -5.27 -34.69 8.55
CA LYS B 46 -6.68 -34.86 8.95
C LYS B 46 -7.54 -35.52 7.88
N LEU B 47 -7.23 -35.30 6.60
CA LEU B 47 -8.03 -35.90 5.52
C LEU B 47 -7.66 -37.36 5.27
N VAL B 48 -6.44 -37.73 5.61
CA VAL B 48 -6.01 -39.09 5.34
C VAL B 48 -7.05 -40.09 5.80
N SER B 52 -13.08 -34.38 10.73
CA SER B 52 -12.56 -35.47 9.92
C SER B 52 -13.47 -35.75 8.75
N GLY B 53 -14.74 -35.38 8.86
CA GLY B 53 -15.26 -34.69 10.03
C GLY B 53 -15.77 -33.30 9.65
N TYR B 54 -15.28 -32.76 8.54
CA TYR B 54 -15.62 -31.40 8.14
C TYR B 54 -16.47 -31.34 6.88
N ASP B 55 -17.17 -30.23 6.70
CA ASP B 55 -17.98 -29.99 5.51
C ASP B 55 -17.22 -29.12 4.53
N ILE B 56 -16.33 -28.29 5.06
CA ILE B 56 -15.52 -27.42 4.24
C ILE B 56 -14.10 -27.45 4.72
N VAL B 57 -13.17 -27.69 3.81
CA VAL B 57 -11.74 -27.56 4.09
C VAL B 57 -11.14 -26.69 2.99
N VAL B 58 -9.96 -26.15 3.27
CA VAL B 58 -9.38 -25.12 2.38
C VAL B 58 -7.89 -25.34 2.11
N PRO B 59 -7.57 -26.33 1.25
CA PRO B 59 -6.18 -26.63 0.90
C PRO B 59 -5.62 -25.68 -0.19
N SER B 60 -4.29 -25.62 -0.30
CA SER B 60 -3.64 -24.88 -1.37
C SER B 60 -3.73 -25.69 -2.66
N ASN B 61 -3.54 -25.02 -3.78
CA ASN B 61 -3.70 -25.63 -5.11
C ASN B 61 -2.94 -26.94 -5.34
N ASN B 62 -1.71 -27.04 -4.86
CA ASN B 62 -0.91 -28.24 -5.06
C ASN B 62 -1.42 -29.42 -4.21
N PHE B 63 -1.82 -29.16 -2.97
CA PHE B 63 -2.38 -30.20 -2.10
C PHE B 63 -3.76 -30.62 -2.59
N LEU B 64 -4.53 -29.63 -3.03
CA LEU B 64 -5.84 -29.90 -3.63
C LEU B 64 -5.75 -30.93 -4.76
N GLY B 65 -4.77 -30.75 -5.64
CA GLY B 65 -4.54 -31.70 -6.73
C GLY B 65 -4.39 -33.13 -6.22
N LYS B 66 -3.58 -33.29 -5.17
CA LYS B 66 -3.35 -34.63 -4.60
C LYS B 66 -4.61 -35.20 -3.97
N GLN B 67 -5.30 -34.38 -3.20
CA GLN B 67 -6.49 -34.82 -2.47
C GLN B 67 -7.61 -35.22 -3.44
N ILE B 68 -7.70 -34.50 -4.55
CA ILE B 68 -8.66 -34.84 -5.61
C ILE B 68 -8.35 -36.24 -6.17
N GLN B 69 -7.10 -36.47 -6.54
CA GLN B 69 -6.67 -37.76 -7.06
C GLN B 69 -6.93 -38.86 -6.02
N ALA B 70 -7.01 -38.46 -4.75
CA ALA B 70 -7.16 -39.41 -3.67
C ALA B 70 -8.62 -39.64 -3.29
N GLY B 71 -9.52 -38.97 -4.01
CA GLY B 71 -10.96 -39.12 -3.79
C GLY B 71 -11.46 -38.45 -2.52
N ALA B 72 -10.77 -37.42 -2.06
CA ALA B 72 -11.11 -36.76 -0.79
C ALA B 72 -12.42 -35.99 -0.81
N PHE B 73 -12.80 -35.50 -1.98
CA PHE B 73 -13.90 -34.56 -2.08
C PHE B 73 -15.02 -35.03 -3.01
N GLN B 74 -16.22 -34.54 -2.79
CA GLN B 74 -17.35 -34.83 -3.68
C GLN B 74 -17.48 -33.70 -4.69
N LYS B 75 -17.95 -34.01 -5.89
CA LYS B 75 -18.04 -33.00 -6.94
C LYS B 75 -19.03 -31.89 -6.61
N LEU B 76 -18.69 -30.68 -7.00
CA LEU B 76 -19.56 -29.55 -6.73
C LEU B 76 -20.82 -29.59 -7.59
N ASP B 77 -21.98 -29.39 -6.97
CA ASP B 77 -23.23 -29.16 -7.69
C ASP B 77 -23.29 -27.66 -7.97
N LYS B 78 -22.85 -27.25 -9.16
CA LYS B 78 -22.74 -25.81 -9.45
C LYS B 78 -24.10 -25.12 -9.36
N SER B 79 -25.18 -25.89 -9.54
CA SER B 79 -26.53 -25.33 -9.44
C SER B 79 -26.80 -24.75 -8.04
N LYS B 80 -26.10 -25.27 -7.03
CA LYS B 80 -26.24 -24.74 -5.68
C LYS B 80 -25.26 -23.59 -5.38
N LEU B 81 -24.53 -23.16 -6.41
CA LEU B 81 -23.66 -22.01 -6.31
C LEU B 81 -24.00 -21.02 -7.41
N PRO B 82 -25.12 -20.30 -7.27
CA PRO B 82 -25.45 -19.37 -8.35
C PRO B 82 -24.46 -18.20 -8.48
N ASN B 83 -23.64 -17.95 -7.45
CA ASN B 83 -22.64 -16.86 -7.51
C ASN B 83 -21.31 -17.28 -8.20
N TRP B 84 -21.24 -18.52 -8.66
CA TRP B 84 -20.06 -19.02 -9.37
C TRP B 84 -19.70 -18.10 -10.55
N LYS B 85 -20.73 -17.49 -11.15
CA LYS B 85 -20.59 -16.45 -12.16
C LYS B 85 -19.64 -15.32 -11.75
N ASN B 86 -19.47 -15.11 -10.45
CA ASN B 86 -18.69 -13.96 -9.98
C ASN B 86 -17.17 -14.21 -10.09
N LEU B 87 -16.79 -15.46 -10.34
CA LEU B 87 -15.38 -15.85 -10.30
C LEU B 87 -14.64 -15.40 -11.55
N ASP B 88 -13.37 -15.02 -11.39
CA ASP B 88 -12.53 -14.64 -12.52
C ASP B 88 -12.25 -15.85 -13.42
N PRO B 89 -12.68 -15.82 -14.70
CA PRO B 89 -12.45 -16.98 -15.57
C PRO B 89 -10.98 -17.31 -15.79
N ALA B 90 -10.14 -16.29 -15.95
CA ALA B 90 -8.72 -16.52 -16.20
C ALA B 90 -8.06 -17.24 -15.03
N LEU B 91 -8.41 -16.84 -13.81
CA LEU B 91 -7.91 -17.49 -12.60
C LEU B 91 -8.39 -18.94 -12.53
N LEU B 92 -9.67 -19.17 -12.82
CA LEU B 92 -10.20 -20.54 -12.80
C LEU B 92 -9.43 -21.42 -13.80
N LYS B 93 -9.09 -20.86 -14.95
CA LYS B 93 -8.29 -21.58 -15.96
C LYS B 93 -6.91 -21.98 -15.43
N GLN B 94 -6.27 -21.07 -14.71
CA GLN B 94 -4.99 -21.38 -14.08
C GLN B 94 -5.07 -22.55 -13.08
N LEU B 95 -6.21 -22.68 -12.42
CA LEU B 95 -6.37 -23.74 -11.42
C LEU B 95 -6.75 -25.10 -12.01
N GLU B 96 -7.11 -25.12 -13.28
CA GLU B 96 -7.55 -26.38 -13.87
C GLU B 96 -6.43 -27.42 -13.93
N VAL B 97 -5.19 -26.95 -13.84
CA VAL B 97 -4.06 -27.86 -13.70
C VAL B 97 -4.22 -28.77 -12.48
N SER B 98 -4.75 -28.25 -11.38
CA SER B 98 -5.00 -29.05 -10.18
C SER B 98 -6.38 -29.68 -10.15
N ASP B 99 -7.34 -29.04 -10.81
CA ASP B 99 -8.73 -29.44 -10.74
C ASP B 99 -9.34 -29.25 -12.13
N PRO B 100 -9.09 -30.23 -13.02
CA PRO B 100 -9.53 -30.13 -14.41
C PRO B 100 -11.03 -29.86 -14.45
N GLY B 101 -11.44 -28.84 -15.20
CA GLY B 101 -12.84 -28.46 -15.26
C GLY B 101 -13.36 -27.79 -13.99
N ASN B 102 -12.47 -27.52 -13.04
CA ASN B 102 -12.89 -26.92 -11.78
C ASN B 102 -14.11 -27.62 -11.18
N GLN B 103 -14.03 -28.94 -11.03
CA GLN B 103 -15.16 -29.72 -10.57
C GLN B 103 -15.32 -29.86 -9.05
N TYR B 104 -14.27 -29.56 -8.30
CA TYR B 104 -14.25 -29.86 -6.86
C TYR B 104 -14.02 -28.68 -5.91
N ALA B 105 -13.46 -27.59 -6.40
CA ALA B 105 -12.98 -26.57 -5.49
C ALA B 105 -13.27 -25.14 -5.95
N VAL B 106 -13.48 -24.26 -4.98
CA VAL B 106 -13.84 -22.88 -5.24
C VAL B 106 -12.71 -21.97 -4.74
N PRO B 107 -12.13 -21.13 -5.61
CA PRO B 107 -11.11 -20.23 -5.13
C PRO B 107 -11.61 -19.37 -3.95
N TYR B 108 -10.72 -19.13 -3.00
CA TYR B 108 -11.04 -18.32 -1.81
C TYR B 108 -10.11 -17.10 -1.78
N LEU B 109 -8.85 -17.35 -1.44
CA LEU B 109 -7.85 -16.28 -1.37
C LEU B 109 -6.55 -16.75 -2.03
N TRP B 110 -5.72 -15.80 -2.42
CA TRP B 110 -4.48 -16.16 -3.09
C TRP B 110 -3.42 -15.12 -2.76
N GLY B 111 -2.16 -15.51 -2.91
CA GLY B 111 -1.05 -14.68 -2.48
C GLY B 111 0.31 -15.29 -2.72
N THR B 112 1.29 -14.81 -1.96
CA THR B 112 2.67 -15.24 -2.14
C THR B 112 3.32 -15.53 -0.80
N ASN B 113 4.55 -16.04 -0.84
CA ASN B 113 5.41 -16.05 0.33
C ASN B 113 6.62 -15.16 0.07
N GLY B 114 7.34 -14.81 1.13
CA GLY B 114 8.36 -13.78 1.01
C GLY B 114 8.94 -13.60 2.40
N ILE B 115 9.55 -12.45 2.64
CA ILE B 115 10.19 -12.15 3.92
C ILE B 115 9.42 -11.07 4.65
N GLY B 116 9.06 -11.34 5.90
CA GLY B 116 8.46 -10.32 6.77
C GLY B 116 9.53 -9.91 7.76
N TYR B 117 9.68 -8.61 8.00
CA TYR B 117 10.80 -8.15 8.83
C TYR B 117 10.55 -6.85 9.55
N ASN B 118 11.25 -6.69 10.67
CA ASN B 118 11.23 -5.48 11.48
C ASN B 118 12.30 -4.52 10.95
N VAL B 119 11.88 -3.41 10.36
CA VAL B 119 12.79 -2.49 9.69
C VAL B 119 13.92 -2.00 10.60
N ALA B 120 13.56 -1.43 11.73
CA ALA B 120 14.55 -0.90 12.67
C ALA B 120 15.54 -1.99 13.09
N LYS B 121 15.04 -3.17 13.46
CA LYS B 121 15.92 -4.20 14.04
C LYS B 121 16.83 -4.80 12.99
N VAL B 122 16.32 -4.99 11.78
CA VAL B 122 17.18 -5.46 10.69
C VAL B 122 18.20 -4.39 10.27
N LYS B 123 17.83 -3.12 10.31
CA LYS B 123 18.78 -2.07 9.95
C LYS B 123 19.91 -2.04 10.98
N GLU B 124 19.53 -2.16 12.24
CA GLU B 124 20.46 -2.17 13.37
C GLU B 124 21.52 -3.27 13.21
N VAL B 125 21.08 -4.43 12.72
CA VAL B 125 21.92 -5.62 12.63
C VAL B 125 22.68 -5.76 11.31
N LEU B 126 22.13 -5.20 10.24
CA LEU B 126 22.71 -5.37 8.89
C LEU B 126 23.05 -4.04 8.20
N GLY B 127 22.76 -2.92 8.87
CA GLY B 127 23.01 -1.60 8.27
C GLY B 127 21.95 -1.22 7.25
N ASP B 128 22.22 -0.19 6.46
CA ASP B 128 21.23 0.30 5.49
C ASP B 128 21.32 -0.43 4.14
N GLN B 129 21.38 -1.75 4.17
CA GLN B 129 21.27 -2.56 2.96
C GLN B 129 19.80 -2.66 2.53
N PRO B 130 19.56 -2.71 1.22
CA PRO B 130 18.20 -3.06 0.79
C PRO B 130 17.85 -4.48 1.23
N ILE B 131 16.65 -4.68 1.71
CA ILE B 131 16.21 -6.02 2.10
C ILE B 131 15.38 -6.56 0.96
N ASP B 132 16.02 -7.27 0.03
CA ASP B 132 15.35 -7.65 -1.22
C ASP B 132 15.81 -8.98 -1.84
N SER B 133 16.43 -9.84 -1.03
CA SER B 133 16.91 -11.13 -1.52
C SER B 133 16.64 -12.22 -0.50
N TRP B 134 16.41 -13.43 -0.99
CA TRP B 134 16.28 -14.57 -0.10
C TRP B 134 17.58 -14.82 0.68
N ALA B 135 18.68 -14.23 0.23
CA ALA B 135 19.97 -14.34 0.92
C ALA B 135 19.87 -13.86 2.37
N ILE B 136 18.89 -13.01 2.63
CA ILE B 136 18.66 -12.53 3.98
C ILE B 136 18.42 -13.72 4.91
N LEU B 137 17.71 -14.73 4.40
CA LEU B 137 17.41 -15.92 5.20
C LEU B 137 18.28 -17.12 4.85
N PHE B 138 18.83 -17.16 3.64
CA PHE B 138 19.52 -18.38 3.20
C PHE B 138 21.06 -18.31 3.18
N GLU B 139 21.65 -17.18 3.58
CA GLU B 139 23.11 -17.08 3.68
C GLU B 139 23.53 -16.91 5.14
N PRO B 140 24.46 -17.76 5.60
CA PRO B 140 24.96 -17.74 6.98
C PRO B 140 25.51 -16.38 7.39
N GLU B 141 26.09 -15.64 6.45
CA GLU B 141 26.67 -14.34 6.78
C GLU B 141 25.62 -13.36 7.27
N ASN B 142 24.42 -13.45 6.71
CA ASN B 142 23.32 -12.61 7.18
C ASN B 142 22.69 -13.20 8.45
N LYS B 144 23.74 -15.33 10.72
CA LYS B 144 24.54 -15.39 11.95
C LYS B 144 24.41 -14.08 12.72
N LYS B 145 24.10 -13.00 12.01
CA LYS B 145 23.87 -11.70 12.64
C LYS B 145 22.42 -11.56 13.14
N LEU B 146 21.47 -12.06 12.36
CA LEU B 146 20.05 -11.95 12.72
C LEU B 146 19.62 -12.83 13.87
N ALA B 147 20.32 -13.95 14.07
CA ALA B 147 19.85 -15.00 14.97
C ALA B 147 19.51 -14.46 16.35
N LYS B 148 20.37 -13.62 16.92
CA LYS B 148 20.16 -13.14 18.27
C LYS B 148 18.90 -12.29 18.41
N CYS B 149 18.35 -11.83 17.27
CA CYS B 149 17.13 -11.00 17.30
C CYS B 149 15.86 -11.79 16.95
N GLY B 150 16.04 -13.06 16.62
CA GLY B 150 14.92 -13.96 16.42
C GLY B 150 14.61 -14.12 14.95
N VAL B 151 14.55 -15.37 14.50
CA VAL B 151 14.27 -15.68 13.10
C VAL B 151 13.33 -16.86 13.05
N ALA B 152 12.28 -16.76 12.24
CA ALA B 152 11.32 -17.84 12.09
C ALA B 152 11.28 -18.36 10.65
N PHE B 153 11.29 -19.67 10.53
CA PHE B 153 11.06 -20.41 9.29
C PHE B 153 9.74 -21.15 9.43
N ASP B 155 7.26 -24.40 9.30
CA ASP B 155 7.42 -25.82 9.57
C ASP B 155 6.80 -26.60 8.42
N SER B 156 7.43 -26.53 7.25
CA SER B 156 6.88 -27.18 6.06
C SER B 156 7.97 -27.39 5.02
N GLY B 157 8.23 -28.66 4.66
CA GLY B 157 9.14 -28.95 3.55
C GLY B 157 8.64 -28.34 2.24
N ASP B 158 7.33 -28.38 2.04
CA ASP B 158 6.69 -27.80 0.85
C ASP B 158 6.98 -26.32 0.64
N GLU B 159 7.13 -25.58 1.75
CA GLU B 159 7.46 -24.16 1.66
C GLU B 159 8.95 -23.95 1.49
N LEU B 161 11.75 -25.99 1.01
CA LEU B 161 12.62 -26.58 0.00
C LEU B 161 12.48 -25.91 -1.38
N PRO B 162 11.25 -25.77 -1.88
CA PRO B 162 11.10 -25.05 -3.15
C PRO B 162 11.62 -23.60 -3.09
N ALA B 163 11.50 -22.95 -1.94
CA ALA B 163 12.06 -21.60 -1.81
C ALA B 163 13.58 -21.61 -1.94
N ALA B 164 14.23 -22.56 -1.29
CA ALA B 164 15.69 -22.67 -1.37
C ALA B 164 16.11 -23.11 -2.75
N LEU B 165 15.32 -24.00 -3.35
CA LEU B 165 15.59 -24.39 -4.75
C LEU B 165 15.54 -23.17 -5.67
N ASN B 166 14.45 -22.41 -5.60
CA ASN B 166 14.34 -21.20 -6.40
C ASN B 166 15.49 -20.21 -6.16
N TYR B 167 15.83 -19.98 -4.89
CA TYR B 167 16.97 -19.13 -4.54
C TYR B 167 18.25 -19.53 -5.25
N LEU B 168 18.46 -20.83 -5.39
CA LEU B 168 19.66 -21.32 -6.08
C LEU B 168 19.47 -21.32 -7.59
N GLY B 169 18.34 -20.84 -8.07
CA GLY B 169 18.10 -20.77 -9.51
C GLY B 169 17.69 -22.11 -10.11
N LEU B 170 17.33 -23.08 -9.26
CA LEU B 170 16.91 -24.40 -9.71
C LEU B 170 15.38 -24.46 -9.77
N ASP B 171 14.83 -25.49 -10.42
CA ASP B 171 13.38 -25.62 -10.54
C ASP B 171 12.77 -26.01 -9.20
N PRO B 172 11.90 -25.15 -8.66
CA PRO B 172 11.24 -25.42 -7.38
C PRO B 172 10.37 -26.69 -7.44
N ASN B 173 9.95 -27.08 -8.64
CA ASN B 173 9.15 -28.30 -8.79
C ASN B 173 9.99 -29.43 -9.37
N THR B 174 11.29 -29.35 -9.15
CA THR B 174 12.22 -30.33 -9.67
C THR B 174 11.94 -31.72 -9.08
N HIS B 175 12.28 -32.75 -9.85
CA HIS B 175 12.15 -34.13 -9.41
C HIS B 175 13.52 -34.68 -9.07
N ASP B 176 14.54 -33.88 -9.31
CA ASP B 176 15.92 -34.33 -9.28
C ASP B 176 16.54 -34.32 -7.88
N PRO B 177 16.99 -35.49 -7.41
CA PRO B 177 17.60 -35.64 -6.09
C PRO B 177 18.84 -34.77 -5.88
N LYS B 178 19.62 -34.56 -6.94
CA LYS B 178 20.81 -33.71 -6.83
C LYS B 178 20.48 -32.26 -6.48
N ASP B 179 19.34 -31.79 -6.96
CA ASP B 179 18.89 -30.42 -6.63
C ASP B 179 18.45 -30.33 -5.17
N TYR B 180 17.68 -31.33 -4.73
CA TYR B 180 17.20 -31.36 -3.35
C TYR B 180 18.34 -31.39 -2.35
N LYS B 181 19.41 -32.10 -2.72
CA LYS B 181 20.64 -32.11 -1.94
C LYS B 181 21.24 -30.72 -1.81
N LYS B 182 21.27 -29.96 -2.90
CA LYS B 182 21.81 -28.59 -2.85
C LYS B 182 20.95 -27.70 -1.97
N ALA B 183 19.64 -27.79 -2.16
CA ALA B 183 18.68 -27.05 -1.33
C ALA B 183 18.89 -27.39 0.14
N GLU B 184 19.01 -28.69 0.42
CA GLU B 184 19.23 -29.18 1.78
C GLU B 184 20.44 -28.53 2.45
N GLU B 185 21.54 -28.47 1.70
CA GLU B 185 22.79 -27.86 2.18
C GLU B 185 22.59 -26.40 2.60
N VAL B 186 21.88 -25.63 1.78
CA VAL B 186 21.59 -24.22 2.10
C VAL B 186 20.82 -24.08 3.44
N LEU B 187 19.75 -24.87 3.57
CA LEU B 187 18.91 -24.78 4.76
C LEU B 187 19.65 -25.30 5.99
N THR B 188 20.38 -26.39 5.82
CA THR B 188 21.15 -26.98 6.90
C THR B 188 22.18 -25.98 7.46
N LYS B 189 22.80 -25.20 6.59
CA LYS B 189 23.82 -24.22 6.98
C LYS B 189 23.27 -23.03 7.78
N VAL B 190 21.99 -22.70 7.60
CA VAL B 190 21.40 -21.63 8.39
C VAL B 190 20.54 -22.14 9.54
N ARG B 191 20.36 -23.45 9.62
CA ARG B 191 19.48 -24.05 10.63
C ARG B 191 19.81 -23.67 12.08
N PRO B 192 21.10 -23.46 12.38
CA PRO B 192 21.49 -23.10 13.74
C PRO B 192 21.08 -21.68 14.10
N TYR B 193 20.81 -20.85 13.11
CA TYR B 193 20.42 -19.46 13.37
C TYR B 193 18.88 -19.27 13.40
N VAL B 194 18.17 -20.30 12.95
CA VAL B 194 16.70 -20.28 12.94
C VAL B 194 16.18 -20.46 14.35
N SER B 195 15.41 -19.50 14.86
CA SER B 195 14.90 -19.60 16.24
C SER B 195 13.88 -20.73 16.36
N TYR B 196 12.96 -20.82 15.40
CA TYR B 196 11.96 -21.86 15.46
C TYR B 196 11.33 -22.07 14.09
N PHE B 197 10.78 -23.27 13.88
CA PHE B 197 10.03 -23.58 12.67
C PHE B 197 8.55 -23.56 13.06
N HIS B 198 7.82 -22.52 12.68
CA HIS B 198 6.40 -22.45 13.00
C HIS B 198 5.69 -21.60 11.95
N SER B 199 4.51 -22.07 11.49
CA SER B 199 3.82 -21.45 10.37
C SER B 199 2.74 -20.42 10.75
N SER B 200 2.66 -20.06 12.02
CA SER B 200 1.76 -18.98 12.43
C SER B 200 2.28 -18.11 13.59
N LYS B 201 3.12 -18.69 14.43
CA LYS B 201 3.65 -17.95 15.59
C LYS B 201 4.37 -16.65 15.20
N TYR B 202 4.86 -16.62 13.96
CA TYR B 202 5.67 -15.51 13.48
C TYR B 202 4.91 -14.21 13.32
N ILE B 203 3.58 -14.27 13.23
CA ILE B 203 2.81 -13.04 13.15
C ILE B 203 2.85 -12.24 14.45
N SER B 204 2.52 -12.87 15.57
CA SER B 204 2.50 -12.15 16.85
C SER B 204 3.94 -11.82 17.28
N ASP B 205 4.88 -12.70 16.96
CA ASP B 205 6.29 -12.42 17.24
C ASP B 205 6.86 -11.23 16.43
N LEU B 206 6.50 -11.10 15.15
CA LEU B 206 6.90 -9.90 14.41
C LEU B 206 6.27 -8.65 15.01
N ALA B 207 5.00 -8.76 15.40
CA ALA B 207 4.22 -7.61 15.88
C ALA B 207 4.75 -7.04 17.19
N ASN B 208 5.27 -7.91 18.04
CA ASN B 208 5.69 -7.47 19.38
C ASN B 208 7.21 -7.43 19.59
N GLY B 209 7.97 -7.70 18.53
CA GLY B 209 9.42 -7.60 18.57
C GLY B 209 10.21 -8.83 19.00
N ASN B 210 9.54 -9.93 19.30
CA ASN B 210 10.21 -11.18 19.72
C ASN B 210 11.07 -11.79 18.61
N ILE B 211 10.69 -11.56 17.36
CA ILE B 211 11.58 -11.87 16.27
C ILE B 211 11.70 -10.67 15.34
N CYS B 212 12.76 -10.63 14.54
CA CYS B 212 13.01 -9.50 13.63
C CYS B 212 12.78 -9.83 12.14
N VAL B 213 12.69 -11.11 11.81
CA VAL B 213 12.54 -11.51 10.42
C VAL B 213 11.89 -12.88 10.34
N ALA B 214 11.08 -13.11 9.31
CA ALA B 214 10.41 -14.39 9.17
C ALA B 214 10.16 -14.74 7.71
N PHE B 215 10.22 -16.03 7.41
CA PHE B 215 9.65 -16.54 6.16
C PHE B 215 8.14 -16.49 6.36
N GLY B 216 7.43 -15.78 5.49
CA GLY B 216 6.03 -15.52 5.77
C GLY B 216 5.12 -15.44 4.57
N TYR B 217 3.83 -15.57 4.81
CA TYR B 217 2.84 -15.38 3.75
C TYR B 217 2.47 -13.89 3.71
N SER B 218 2.24 -13.37 2.52
CA SER B 218 2.00 -11.94 2.33
C SER B 218 0.97 -11.34 3.32
N GLY B 219 -0.27 -11.83 3.27
CA GLY B 219 -1.30 -11.31 4.17
C GLY B 219 -0.95 -11.40 5.64
N ASP B 220 -0.38 -12.54 6.05
CA ASP B 220 0.02 -12.73 7.46
C ASP B 220 0.95 -11.60 7.90
N VAL B 221 1.93 -11.29 7.07
CA VAL B 221 2.85 -10.19 7.37
C VAL B 221 2.14 -8.85 7.44
N PHE B 222 1.20 -8.61 6.52
CA PHE B 222 0.46 -7.35 6.58
C PHE B 222 -0.36 -7.26 7.87
N GLN B 223 -0.92 -8.39 8.33
CA GLN B 223 -1.62 -8.46 9.63
C GLN B 223 -0.67 -8.18 10.83
N ALA B 224 0.54 -8.72 10.77
CA ALA B 224 1.55 -8.42 11.76
C ALA B 224 1.88 -6.93 11.79
N ALA B 225 1.98 -6.32 10.61
CA ALA B 225 2.30 -4.89 10.52
C ALA B 225 1.18 -4.05 11.14
N ALA B 226 -0.05 -4.42 10.85
CA ALA B 226 -1.21 -3.75 11.44
C ALA B 226 -1.27 -3.89 12.97
N ARG B 227 -1.00 -5.08 13.49
CA ARG B 227 -0.99 -5.25 14.95
C ARG B 227 0.12 -4.40 15.58
N ALA B 228 1.25 -4.30 14.90
CA ALA B 228 2.37 -3.54 15.41
C ALA B 228 1.99 -2.06 15.45
N GLU B 229 1.31 -1.62 14.40
CA GLU B 229 0.88 -0.24 14.34
C GLU B 229 -0.09 0.08 15.46
N GLU B 230 -1.08 -0.79 15.67
CA GLU B 230 -2.05 -0.54 16.73
C GLU B 230 -1.48 -0.76 18.13
N ALA B 231 -0.36 -1.47 18.21
CA ALA B 231 0.32 -1.70 19.50
C ALA B 231 0.81 -0.39 20.08
N GLY B 232 1.24 0.51 19.21
CA GLY B 232 1.66 1.84 19.62
C GLY B 232 3.14 1.97 19.95
N LYS B 233 3.89 0.89 19.79
CA LYS B 233 5.30 0.89 20.18
C LYS B 233 6.26 1.20 19.04
N GLY B 234 5.73 1.61 17.89
CA GLY B 234 6.56 2.11 16.81
C GLY B 234 7.27 1.05 15.97
N ILE B 235 6.83 -0.20 16.06
CA ILE B 235 7.44 -1.26 15.26
C ILE B 235 6.96 -1.22 13.81
N ASP B 236 7.91 -1.21 12.87
CA ASP B 236 7.63 -1.14 11.45
C ASP B 236 7.86 -2.50 10.78
N ILE B 237 6.78 -3.24 10.55
CA ILE B 237 6.89 -4.52 9.85
C ILE B 237 6.65 -4.34 8.34
N GLN B 238 7.56 -4.90 7.54
CA GLN B 238 7.48 -4.85 6.07
C GLN B 238 7.47 -6.25 5.43
N TYR B 239 6.82 -6.36 4.27
CA TYR B 239 6.82 -7.60 3.51
C TYR B 239 7.51 -7.40 2.18
N VAL B 240 8.38 -8.33 1.81
CA VAL B 240 9.02 -8.21 0.52
C VAL B 240 8.95 -9.51 -0.25
N ILE B 241 8.54 -9.40 -1.52
CA ILE B 241 8.74 -10.48 -2.49
C ILE B 241 10.15 -10.36 -3.09
N PRO B 242 11.07 -11.26 -2.71
CA PRO B 242 12.48 -11.12 -3.14
C PRO B 242 12.71 -11.07 -4.66
N LYS B 243 13.87 -10.54 -5.06
CA LYS B 243 14.18 -10.35 -6.48
C LYS B 243 14.32 -11.68 -7.23
N GLU B 244 14.60 -12.76 -6.53
CA GLU B 244 14.69 -14.07 -7.16
C GLU B 244 13.30 -14.66 -7.46
N GLY B 245 12.25 -13.99 -6.99
CA GLY B 245 10.91 -14.52 -7.16
C GLY B 245 10.49 -15.28 -5.92
N ALA B 246 9.31 -15.88 -5.97
CA ALA B 246 8.76 -16.56 -4.79
C ALA B 246 7.57 -17.42 -5.18
N ASN B 247 7.00 -18.08 -4.20
CA ASN B 247 5.81 -18.89 -4.46
C ASN B 247 4.53 -18.07 -4.69
N LEU B 248 3.81 -18.43 -5.76
CA LEU B 248 2.45 -17.94 -6.00
C LEU B 248 1.49 -19.12 -5.78
N TRP B 249 0.50 -18.92 -4.92
CA TRP B 249 -0.40 -20.00 -4.49
C TRP B 249 -1.83 -19.50 -4.40
N PHE B 250 -2.77 -20.44 -4.44
CA PHE B 250 -4.19 -20.18 -4.33
C PHE B 250 -4.76 -21.20 -3.38
N ASP B 251 -5.53 -20.72 -2.41
CA ASP B 251 -6.28 -21.59 -1.51
C ASP B 251 -7.73 -21.70 -1.99
N LEU B 252 -8.29 -22.91 -1.95
CA LEU B 252 -9.62 -23.17 -2.46
C LEU B 252 -10.44 -23.96 -1.45
N ALA B 254 -13.19 -26.86 -0.62
CA ALA B 254 -13.69 -28.10 -1.19
C ALA B 254 -14.51 -28.83 -0.12
N ILE B 255 -15.41 -29.70 -0.58
CA ILE B 255 -16.33 -30.41 0.33
C ILE B 255 -15.97 -31.90 0.46
N PRO B 256 -15.52 -32.33 1.65
CA PRO B 256 -15.16 -33.71 1.87
C PRO B 256 -16.26 -34.66 1.40
N ALA B 257 -15.87 -35.78 0.80
CA ALA B 257 -16.84 -36.74 0.27
C ALA B 257 -17.76 -37.25 1.39
N ASP B 258 -17.25 -37.28 2.62
CA ASP B 258 -18.06 -37.72 3.76
C ASP B 258 -18.71 -36.58 4.54
N ALA B 259 -18.87 -35.41 3.93
CA ALA B 259 -19.46 -34.25 4.60
C ALA B 259 -20.89 -34.55 5.03
N LYS B 260 -21.25 -34.20 6.26
CA LYS B 260 -22.61 -34.45 6.73
C LYS B 260 -23.59 -33.31 6.41
N ALA B 261 -23.07 -32.12 6.13
CA ALA B 261 -23.92 -30.96 5.84
C ALA B 261 -23.51 -30.22 4.55
N ALA B 262 -23.51 -30.95 3.45
CA ALA B 262 -23.17 -30.37 2.14
C ALA B 262 -24.00 -29.15 1.76
N ASP B 263 -25.32 -29.21 1.98
CA ASP B 263 -26.18 -28.09 1.64
C ASP B 263 -25.77 -26.83 2.42
N ASN B 264 -25.41 -27.02 3.69
CA ASN B 264 -24.93 -25.90 4.49
C ASN B 264 -23.62 -25.36 3.95
N ALA B 265 -22.78 -26.26 3.44
CA ALA B 265 -21.50 -25.85 2.85
C ALA B 265 -21.73 -24.94 1.64
N TYR B 266 -22.60 -25.38 0.73
CA TYR B 266 -22.98 -24.55 -0.42
C TYR B 266 -23.50 -23.17 -0.04
N ALA B 267 -24.36 -23.10 0.97
CA ALA B 267 -24.85 -21.80 1.39
C ALA B 267 -23.66 -20.89 1.76
N PHE B 268 -22.69 -21.44 2.50
CA PHE B 268 -21.56 -20.63 2.98
C PHE B 268 -20.66 -20.19 1.82
N ILE B 269 -20.34 -21.14 0.96
CA ILE B 269 -19.51 -20.86 -0.21
C ILE B 269 -20.19 -19.83 -1.08
N ASP B 270 -21.51 -19.97 -1.29
CA ASP B 270 -22.21 -19.01 -2.13
C ASP B 270 -22.21 -17.61 -1.50
N TYR B 271 -22.24 -17.57 -0.18
CA TYR B 271 -22.15 -16.32 0.57
C TYR B 271 -20.79 -15.64 0.33
N LEU B 272 -19.71 -16.43 0.35
CA LEU B 272 -18.36 -15.90 0.19
C LEU B 272 -18.04 -15.43 -1.23
N LEU B 273 -18.84 -15.87 -2.20
CA LEU B 273 -18.67 -15.49 -3.59
C LEU B 273 -19.31 -14.14 -3.89
N ARG B 274 -19.96 -13.54 -2.89
CA ARG B 274 -20.53 -12.20 -3.04
C ARG B 274 -19.44 -11.13 -2.92
N PRO B 275 -19.46 -10.16 -3.82
CA PRO B 275 -18.40 -9.15 -3.88
C PRO B 275 -18.23 -8.43 -2.55
N GLU B 276 -19.34 -8.00 -1.96
CA GLU B 276 -19.29 -7.22 -0.71
C GLU B 276 -18.72 -8.04 0.44
N VAL B 277 -18.98 -9.35 0.44
CA VAL B 277 -18.55 -10.23 1.51
C VAL B 277 -17.06 -10.51 1.44
N ILE B 278 -16.60 -10.95 0.28
CA ILE B 278 -15.20 -11.29 0.08
C ILE B 278 -14.31 -10.03 0.12
N ALA B 279 -14.84 -8.87 -0.28
CA ALA B 279 -14.11 -7.62 -0.12
C ALA B 279 -13.72 -7.40 1.35
N LYS B 280 -14.67 -7.60 2.25
CA LYS B 280 -14.41 -7.38 3.67
C LYS B 280 -13.37 -8.36 4.22
N VAL B 281 -13.39 -9.59 3.71
CA VAL B 281 -12.37 -10.55 4.10
C VAL B 281 -10.97 -10.08 3.69
N SER B 282 -10.81 -9.85 2.39
CA SER B 282 -9.54 -9.38 1.86
C SER B 282 -9.07 -8.11 2.56
N ASP B 283 -9.99 -7.22 2.85
CA ASP B 283 -9.66 -5.96 3.54
C ASP B 283 -9.06 -6.20 4.91
N TYR B 284 -9.50 -7.27 5.55
CA TYR B 284 -8.99 -7.57 6.88
C TYR B 284 -7.71 -8.39 6.88
N VAL B 285 -7.67 -9.44 6.07
CA VAL B 285 -6.56 -10.40 6.12
C VAL B 285 -5.40 -10.05 5.15
N GLY B 286 -5.59 -9.08 4.27
CA GLY B 286 -4.51 -8.65 3.39
C GLY B 286 -4.19 -9.61 2.26
N TYR B 287 -5.18 -10.40 1.84
CA TYR B 287 -5.01 -11.29 0.69
C TYR B 287 -5.99 -10.97 -0.45
N ALA B 288 -5.52 -11.11 -1.68
CA ALA B 288 -6.40 -10.94 -2.85
C ALA B 288 -7.43 -12.04 -2.92
N ASN B 289 -8.53 -11.78 -3.62
CA ASN B 289 -9.58 -12.78 -3.86
C ASN B 289 -9.77 -13.02 -5.37
N ALA B 290 -10.70 -13.90 -5.73
CA ALA B 290 -10.86 -14.28 -7.14
C ALA B 290 -12.12 -13.69 -7.78
N ILE B 291 -12.69 -12.67 -7.14
CA ILE B 291 -13.95 -12.04 -7.55
C ILE B 291 -13.68 -10.62 -8.10
N PRO B 292 -13.68 -10.46 -9.43
CA PRO B 292 -13.32 -9.14 -9.95
C PRO B 292 -14.25 -8.03 -9.45
N GLY B 293 -15.50 -8.36 -9.16
CA GLY B 293 -16.46 -7.38 -8.67
C GLY B 293 -16.24 -6.89 -7.26
N ALA B 294 -15.39 -7.57 -6.50
CA ALA B 294 -14.99 -7.07 -5.17
C ALA B 294 -13.98 -5.91 -5.21
N ARG B 295 -13.21 -5.80 -6.29
CA ARG B 295 -12.14 -4.80 -6.37
C ARG B 295 -12.64 -3.40 -6.04
N PRO B 296 -13.69 -2.94 -6.74
CA PRO B 296 -14.21 -1.60 -6.54
C PRO B 296 -14.74 -1.34 -5.13
N LEU B 297 -15.05 -2.41 -4.39
CA LEU B 297 -15.57 -2.25 -3.03
C LEU B 297 -14.48 -2.33 -1.93
N ASP B 299 -10.85 -1.74 0.32
CA ASP B 299 -9.92 -0.70 0.72
C ASP B 299 -8.81 -0.53 -0.33
N LYS B 300 -8.59 0.69 -0.80
CA LYS B 300 -7.54 0.94 -1.75
C LYS B 300 -6.18 0.52 -1.21
N SER B 301 -5.97 0.63 0.09
CA SER B 301 -4.69 0.22 0.70
C SER B 301 -4.39 -1.26 0.39
N VAL B 302 -5.44 -2.03 0.15
CA VAL B 302 -5.25 -3.45 -0.18
C VAL B 302 -5.25 -3.68 -1.69
N SER B 303 -6.26 -3.15 -2.38
CA SER B 303 -6.41 -3.45 -3.80
C SER B 303 -5.33 -2.79 -4.66
N ASP B 304 -4.75 -1.68 -4.18
CA ASP B 304 -3.74 -0.96 -4.95
C ASP B 304 -2.31 -1.27 -4.50
N SER B 305 -2.14 -2.31 -3.67
CA SER B 305 -0.82 -2.76 -3.29
C SER B 305 -0.25 -3.73 -4.35
N GLU B 306 0.93 -3.41 -4.88
CA GLU B 306 1.56 -4.29 -5.85
C GLU B 306 2.09 -5.57 -5.22
N GLU B 307 2.04 -5.70 -3.89
CA GLU B 307 2.37 -7.01 -3.29
C GLU B 307 1.16 -7.90 -3.02
N VAL B 308 -0.01 -7.30 -2.83
CA VAL B 308 -1.25 -8.07 -2.71
C VAL B 308 -1.74 -8.50 -4.10
N TYR B 309 -1.75 -7.54 -5.03
CA TYR B 309 -2.12 -7.79 -6.42
C TYR B 309 -0.94 -7.43 -7.30
N PRO B 310 0.01 -8.35 -7.47
CA PRO B 310 1.25 -8.02 -8.17
C PRO B 310 1.08 -7.79 -9.66
N PRO B 311 1.93 -6.93 -10.26
CA PRO B 311 1.84 -6.70 -11.69
C PRO B 311 2.49 -7.83 -12.49
N GLN B 312 2.25 -7.85 -13.79
CA GLN B 312 2.77 -8.91 -14.65
C GLN B 312 4.26 -9.13 -14.47
N ALA B 313 5.03 -8.05 -14.42
CA ALA B 313 6.48 -8.12 -14.26
C ALA B 313 6.91 -8.93 -13.02
N VAL B 314 6.13 -8.84 -11.94
CA VAL B 314 6.43 -9.61 -10.75
C VAL B 314 5.89 -11.04 -10.87
N LEU B 315 4.69 -11.17 -11.40
CA LEU B 315 4.08 -12.48 -11.62
C LEU B 315 4.99 -13.41 -12.42
N ASP B 316 5.75 -12.83 -13.34
CA ASP B 316 6.66 -13.58 -14.20
C ASP B 316 7.82 -14.20 -13.46
N LYS B 317 8.19 -13.61 -12.32
CA LYS B 317 9.24 -14.20 -11.50
C LYS B 317 8.75 -15.30 -10.55
N LEU B 318 7.44 -15.40 -10.33
CA LEU B 318 6.90 -16.31 -9.33
C LEU B 318 6.67 -17.73 -9.84
N TYR B 319 6.75 -18.72 -8.96
CA TYR B 319 6.54 -20.10 -9.35
C TYR B 319 5.29 -20.68 -8.69
N VAL B 320 4.48 -21.41 -9.46
CA VAL B 320 3.32 -22.13 -8.92
C VAL B 320 3.74 -23.54 -8.51
N SER B 321 3.30 -23.99 -7.32
CA SER B 321 3.61 -25.34 -6.85
C SER B 321 2.89 -26.37 -7.72
N ALA B 322 3.63 -27.31 -8.28
CA ALA B 322 3.03 -28.36 -9.11
C ALA B 322 2.43 -29.46 -8.24
N VAL B 323 1.47 -30.20 -8.79
CA VAL B 323 0.99 -31.39 -8.14
C VAL B 323 2.06 -32.47 -8.34
N LEU B 324 2.85 -32.77 -7.30
CA LEU B 324 4.00 -33.68 -7.47
C LEU B 324 3.66 -35.17 -7.38
N PRO B 325 4.42 -36.03 -8.12
CA PRO B 325 4.32 -37.48 -8.00
C PRO B 325 4.76 -37.97 -6.63
N ALA B 326 4.12 -39.03 -6.15
CA ALA B 326 4.43 -39.63 -4.86
C ALA B 326 5.93 -39.69 -4.58
N LYS B 327 6.71 -40.16 -5.57
CA LYS B 327 8.14 -40.33 -5.39
C LYS B 327 8.88 -39.04 -5.03
N VAL B 328 8.47 -37.93 -5.64
CA VAL B 328 9.12 -36.66 -5.37
C VAL B 328 8.71 -36.16 -3.99
N LEU B 329 7.46 -36.39 -3.62
CA LEU B 329 6.99 -35.98 -2.29
C LEU B 329 7.72 -36.72 -1.17
N ARG B 330 8.00 -38.01 -1.38
CA ARG B 330 8.80 -38.76 -0.40
C ARG B 330 10.17 -38.12 -0.24
N LEU B 331 10.82 -37.84 -1.36
CA LEU B 331 12.14 -37.17 -1.38
C LEU B 331 12.08 -35.88 -0.59
N GLN B 332 11.08 -35.07 -0.88
CA GLN B 332 10.89 -33.78 -0.21
C GLN B 332 10.71 -33.98 1.30
N THR B 333 9.84 -34.92 1.68
CA THR B 333 9.55 -35.18 3.09
C THR B 333 10.77 -35.70 3.84
N ARG B 334 11.47 -36.64 3.24
CA ARG B 334 12.67 -37.18 3.86
C ARG B 334 13.76 -36.10 3.98
N THR B 335 13.89 -35.27 2.95
CA THR B 335 14.88 -34.20 2.99
C THR B 335 14.59 -33.22 4.14
N TRP B 336 13.31 -32.89 4.30
CA TRP B 336 12.88 -31.92 5.30
C TRP B 336 13.07 -32.49 6.70
N THR B 337 12.72 -33.76 6.89
CA THR B 337 12.91 -34.39 8.20
C THR B 337 14.36 -34.20 8.64
N ARG B 338 15.28 -34.60 7.77
CA ARG B 338 16.70 -34.44 8.07
C ARG B 338 17.01 -33.03 8.53
N ILE B 339 16.47 -32.04 7.82
CA ILE B 339 16.61 -30.66 8.23
C ILE B 339 15.74 -30.41 9.48
#